data_3U38
# 
_entry.id   3U38 
# 
_audit_conform.dict_name       mmcif_pdbx.dic 
_audit_conform.dict_version    5.388 
_audit_conform.dict_location   http://mmcif.pdb.org/dictionaries/ascii/mmcif_pdbx.dic 
# 
loop_
_database_2.database_id 
_database_2.database_code 
_database_2.pdbx_database_accession 
_database_2.pdbx_DOI 
PDB   3U38         pdb_00003u38 10.2210/pdb3u38/pdb 
NDB   NA1340       ?            ?                   
RCSB  RCSB068249   ?            ?                   
WWPDB D_1000068249 ?            ?                   
# 
loop_
_pdbx_audit_revision_history.ordinal 
_pdbx_audit_revision_history.data_content_type 
_pdbx_audit_revision_history.major_revision 
_pdbx_audit_revision_history.minor_revision 
_pdbx_audit_revision_history.revision_date 
1 'Structure model' 1 0 2012-07-04 
2 'Structure model' 1 1 2013-05-01 
3 'Structure model' 1 2 2013-07-10 
4 'Structure model' 1 3 2024-03-20 
# 
_pdbx_audit_revision_details.ordinal             1 
_pdbx_audit_revision_details.revision_ordinal    1 
_pdbx_audit_revision_details.data_content_type   'Structure model' 
_pdbx_audit_revision_details.provider            repository 
_pdbx_audit_revision_details.type                'Initial release' 
_pdbx_audit_revision_details.description         ? 
_pdbx_audit_revision_details.details             ? 
# 
loop_
_pdbx_audit_revision_group.ordinal 
_pdbx_audit_revision_group.revision_ordinal 
_pdbx_audit_revision_group.data_content_type 
_pdbx_audit_revision_group.group 
1 2 'Structure model' 'Non-polymer description' 
2 3 'Structure model' 'Database references'     
3 4 'Structure model' 'Data collection'         
4 4 'Structure model' 'Database references'     
5 4 'Structure model' 'Derived calculations'    
# 
loop_
_pdbx_audit_revision_category.ordinal 
_pdbx_audit_revision_category.revision_ordinal 
_pdbx_audit_revision_category.data_content_type 
_pdbx_audit_revision_category.category 
1 4 'Structure model' chem_comp_atom         
2 4 'Structure model' chem_comp_bond         
3 4 'Structure model' database_2             
4 4 'Structure model' pdbx_struct_conn_angle 
5 4 'Structure model' struct_conn            
6 4 'Structure model' struct_site            
# 
loop_
_pdbx_audit_revision_item.ordinal 
_pdbx_audit_revision_item.revision_ordinal 
_pdbx_audit_revision_item.data_content_type 
_pdbx_audit_revision_item.item 
1  4 'Structure model' '_database_2.pdbx_DOI'                        
2  4 'Structure model' '_database_2.pdbx_database_accession'         
3  4 'Structure model' '_pdbx_struct_conn_angle.ptnr1_auth_comp_id'  
4  4 'Structure model' '_pdbx_struct_conn_angle.ptnr1_auth_seq_id'   
5  4 'Structure model' '_pdbx_struct_conn_angle.ptnr1_label_asym_id' 
6  4 'Structure model' '_pdbx_struct_conn_angle.ptnr1_label_atom_id' 
7  4 'Structure model' '_pdbx_struct_conn_angle.ptnr1_label_comp_id' 
8  4 'Structure model' '_pdbx_struct_conn_angle.ptnr1_label_seq_id'  
9  4 'Structure model' '_pdbx_struct_conn_angle.ptnr3_auth_comp_id'  
10 4 'Structure model' '_pdbx_struct_conn_angle.ptnr3_auth_seq_id'   
11 4 'Structure model' '_pdbx_struct_conn_angle.ptnr3_label_asym_id' 
12 4 'Structure model' '_pdbx_struct_conn_angle.ptnr3_label_atom_id' 
13 4 'Structure model' '_pdbx_struct_conn_angle.ptnr3_label_comp_id' 
14 4 'Structure model' '_pdbx_struct_conn_angle.ptnr3_label_seq_id'  
15 4 'Structure model' '_pdbx_struct_conn_angle.value'               
16 4 'Structure model' '_struct_conn.pdbx_dist_value'                
17 4 'Structure model' '_struct_conn.ptnr1_auth_comp_id'             
18 4 'Structure model' '_struct_conn.ptnr1_auth_seq_id'              
19 4 'Structure model' '_struct_conn.ptnr1_label_asym_id'            
20 4 'Structure model' '_struct_conn.ptnr1_label_atom_id'            
21 4 'Structure model' '_struct_conn.ptnr1_label_comp_id'            
22 4 'Structure model' '_struct_conn.ptnr1_label_seq_id'             
23 4 'Structure model' '_struct_conn.ptnr2_auth_comp_id'             
24 4 'Structure model' '_struct_conn.ptnr2_auth_seq_id'              
25 4 'Structure model' '_struct_conn.ptnr2_label_asym_id'            
26 4 'Structure model' '_struct_conn.ptnr2_label_atom_id'            
27 4 'Structure model' '_struct_conn.ptnr2_label_comp_id'            
28 4 'Structure model' '_struct_site.pdbx_auth_asym_id'              
29 4 'Structure model' '_struct_site.pdbx_auth_comp_id'              
30 4 'Structure model' '_struct_site.pdbx_auth_seq_id'               
# 
_pdbx_database_status.status_code                     REL 
_pdbx_database_status.entry_id                        3U38 
_pdbx_database_status.recvd_initial_deposition_date   2011-10-05 
_pdbx_database_status.deposit_site                    RCSB 
_pdbx_database_status.process_site                    PDBJ 
_pdbx_database_status.status_code_sf                  REL 
_pdbx_database_status.status_code_mr                  ? 
_pdbx_database_status.SG_entry                        ? 
_pdbx_database_status.status_code_cs                  ? 
_pdbx_database_status.methods_development_category    ? 
_pdbx_database_status.pdb_format_compatible           Y 
_pdbx_database_status.status_code_nmr_data            ? 
# 
loop_
_pdbx_database_related.db_name 
_pdbx_database_related.db_id 
_pdbx_database_related.details 
_pdbx_database_related.content_type 
PDB 3QRN 'Atomic resolution model of lam-[Ru(TAP)2(dppz)]2+ into d(TCGGCGCCGA)2' unspecified 
PDB 3QF8 'Medium resolution model of lam-[Ru(TAP)2(dppz)]2+ into d(TCGGCGCCGA)2' unspecified 
# 
loop_
_audit_author.name 
_audit_author.pdbx_ordinal 
'Cardin, C.J.' 1 
'Hall, J.P.'   2 
'Niyazi, H.'   3 
# 
_citation.id                        primary 
_citation.title                     
'Crystal structures of lambda-[Ru(phen)2dppz]2+ with oligonucleotides containing TA/TA and AT/AT steps show two intercalation modes' 
_citation.journal_abbrev            'Nat Chem' 
_citation.journal_volume            4 
_citation.page_first                621 
_citation.page_last                 628 
_citation.year                      2012 
_citation.journal_id_ASTM           ? 
_citation.country                   UK 
_citation.journal_id_ISSN           1755-4349 
_citation.journal_id_CSD            ? 
_citation.book_publisher            ? 
_citation.pdbx_database_id_PubMed   22824893 
_citation.pdbx_database_id_DOI      10.1038/nchem.1397 
# 
loop_
_citation_author.citation_id 
_citation_author.name 
_citation_author.ordinal 
_citation_author.identifier_ORCID 
primary 'Niyazi, H.'     1 ? 
primary 'Hall, J.P.'     2 ? 
primary 
;O'Sullivan, K.
;
3 ? 
primary 'Winter, G.'     4 ? 
primary 'Sorensen, T.'   5 ? 
primary 'Kelly, J.M.'    6 ? 
primary 'Cardin, C.J.'   7 ? 
# 
loop_
_entity.id 
_entity.type 
_entity.src_method 
_entity.pdbx_description 
_entity.formula_weight 
_entity.pdbx_number_of_molecules 
_entity.pdbx_ec 
_entity.pdbx_mutation 
_entity.pdbx_fragment 
_entity.details 
1 polymer     syn "5'-D(*CP*CP*GP*GP*TP*AP*CP*CP*GP*G)-3'" 3045.992 1  ? ? ? ? 
2 non-polymer syn 'Lambda-Ru(phen)2(dppz) complex'         743.779  2  ? ? ? ? 
3 non-polymer syn 'BARIUM ION'                             137.327  1  ? ? ? ? 
4 water       nat water                                    18.015   19 ? ? ? ? 
# 
_entity_poly.entity_id                      1 
_entity_poly.type                           polydeoxyribonucleotide 
_entity_poly.nstd_linkage                   no 
_entity_poly.nstd_monomer                   no 
_entity_poly.pdbx_seq_one_letter_code       '(DC)(DC)(DG)(DG)(DT)(DA)(DC)(DC)(DG)(DG)' 
_entity_poly.pdbx_seq_one_letter_code_can   CCGGTACCGG 
_entity_poly.pdbx_strand_id                 A 
_entity_poly.pdbx_target_identifier         ? 
# 
loop_
_pdbx_entity_nonpoly.entity_id 
_pdbx_entity_nonpoly.name 
_pdbx_entity_nonpoly.comp_id 
2 'Lambda-Ru(phen)2(dppz) complex' RKP 
3 'BARIUM ION'                     BA  
4 water                            HOH 
# 
loop_
_entity_poly_seq.entity_id 
_entity_poly_seq.num 
_entity_poly_seq.mon_id 
_entity_poly_seq.hetero 
1 1  DC n 
1 2  DC n 
1 3  DG n 
1 4  DG n 
1 5  DT n 
1 6  DA n 
1 7  DC n 
1 8  DC n 
1 9  DG n 
1 10 DG n 
# 
_pdbx_entity_src_syn.entity_id              1 
_pdbx_entity_src_syn.pdbx_src_id            1 
_pdbx_entity_src_syn.pdbx_alt_source_flag   sample 
_pdbx_entity_src_syn.pdbx_beg_seq_num       ? 
_pdbx_entity_src_syn.pdbx_end_seq_num       ? 
_pdbx_entity_src_syn.organism_scientific    ? 
_pdbx_entity_src_syn.organism_common_name   ? 
_pdbx_entity_src_syn.ncbi_taxonomy_id       ? 
_pdbx_entity_src_syn.details                'Oligo purchased from ATD Bio' 
# 
loop_
_chem_comp.id 
_chem_comp.type 
_chem_comp.mon_nstd_flag 
_chem_comp.name 
_chem_comp.pdbx_synonyms 
_chem_comp.formula 
_chem_comp.formula_weight 
BA  non-polymer   . 'BARIUM ION'                         ? 'Ba 2'            137.327 
DA  'DNA linking' y "2'-DEOXYADENOSINE-5'-MONOPHOSPHATE" ? 'C10 H14 N5 O6 P' 331.222 
DC  'DNA linking' y "2'-DEOXYCYTIDINE-5'-MONOPHOSPHATE"  ? 'C9 H14 N3 O7 P'  307.197 
DG  'DNA linking' y "2'-DEOXYGUANOSINE-5'-MONOPHOSPHATE" ? 'C10 H14 N5 O7 P' 347.221 
DT  'DNA linking' y "THYMIDINE-5'-MONOPHOSPHATE"         ? 'C10 H15 N2 O8 P' 322.208 
HOH non-polymer   . WATER                                ? 'H2 O'            18.015  
RKP non-polymer   . 'Lambda-Ru(phen)2(dppz) complex'     ? 'C42 H26 N8 Ru'   743.779 
# 
loop_
_pdbx_poly_seq_scheme.asym_id 
_pdbx_poly_seq_scheme.entity_id 
_pdbx_poly_seq_scheme.seq_id 
_pdbx_poly_seq_scheme.mon_id 
_pdbx_poly_seq_scheme.ndb_seq_num 
_pdbx_poly_seq_scheme.pdb_seq_num 
_pdbx_poly_seq_scheme.auth_seq_num 
_pdbx_poly_seq_scheme.pdb_mon_id 
_pdbx_poly_seq_scheme.auth_mon_id 
_pdbx_poly_seq_scheme.pdb_strand_id 
_pdbx_poly_seq_scheme.pdb_ins_code 
_pdbx_poly_seq_scheme.hetero 
A 1 1  DC 1  1  1  DC DC A . n 
A 1 2  DC 2  2  2  DC DC A . n 
A 1 3  DG 3  3  3  DG DG A . n 
A 1 4  DG 4  4  4  DG DG A . n 
A 1 5  DT 5  5  5  DT DT A . n 
A 1 6  DA 6  6  6  DA DA A . n 
A 1 7  DC 7  7  7  DC DC A . n 
A 1 8  DC 8  8  8  DC DC A . n 
A 1 9  DG 9  9  9  DG DG A . n 
A 1 10 DG 10 10 10 DG DG A . n 
# 
loop_
_pdbx_nonpoly_scheme.asym_id 
_pdbx_nonpoly_scheme.entity_id 
_pdbx_nonpoly_scheme.mon_id 
_pdbx_nonpoly_scheme.ndb_seq_num 
_pdbx_nonpoly_scheme.pdb_seq_num 
_pdbx_nonpoly_scheme.auth_seq_num 
_pdbx_nonpoly_scheme.pdb_mon_id 
_pdbx_nonpoly_scheme.auth_mon_id 
_pdbx_nonpoly_scheme.pdb_strand_id 
_pdbx_nonpoly_scheme.pdb_ins_code 
B 2 RKP 1  101 14 RKP RKP A . 
C 2 RKP 1  102 13 RKP RKP A . 
D 3 BA  1  103 11 BA  BA  A . 
E 4 HOH 1  201 12 HOH HOH A . 
E 4 HOH 2  202 15 HOH HOH A . 
E 4 HOH 3  203 16 HOH HOH A . 
E 4 HOH 4  204 17 HOH HOH A . 
E 4 HOH 5  205 18 HOH HOH A . 
E 4 HOH 6  206 19 HOH HOH A . 
E 4 HOH 7  207 20 HOH HOH A . 
E 4 HOH 8  208 21 HOH HOH A . 
E 4 HOH 9  209 22 HOH HOH A . 
E 4 HOH 10 210 23 HOH HOH A . 
E 4 HOH 11 211 24 HOH HOH A . 
E 4 HOH 12 212 25 HOH HOH A . 
E 4 HOH 13 213 26 HOH HOH A . 
E 4 HOH 14 214 27 HOH HOH A . 
E 4 HOH 15 215 28 HOH HOH A . 
E 4 HOH 16 216 32 HOH HOH A . 
E 4 HOH 17 217 35 HOH HOH A . 
E 4 HOH 18 218 37 HOH HOH A . 
E 4 HOH 19 219 38 HOH HOH A . 
# 
_software.name             REFMAC 
_software.classification   refinement 
_software.version          5.6.0117 
_software.citation_id      ? 
_software.pdbx_ordinal     1 
# 
_cell.entry_id           3U38 
_cell.length_a           52.560 
_cell.length_b           52.560 
_cell.length_c           32.430 
_cell.angle_alpha        90.00 
_cell.angle_beta         90.00 
_cell.angle_gamma        90.00 
_cell.Z_PDB              8 
_cell.pdbx_unique_axis   ? 
_cell.length_a_esd       ? 
_cell.length_b_esd       ? 
_cell.length_c_esd       ? 
_cell.angle_alpha_esd    ? 
_cell.angle_beta_esd     ? 
_cell.angle_gamma_esd    ? 
# 
_symmetry.entry_id                         3U38 
_symmetry.space_group_name_H-M             'P 43 21 2' 
_symmetry.pdbx_full_space_group_name_H-M   ? 
_symmetry.cell_setting                     ? 
_symmetry.Int_Tables_number                96 
_symmetry.space_group_name_Hall            ? 
# 
_exptl.entry_id          3U38 
_exptl.method            'X-RAY DIFFRACTION' 
_exptl.crystals_number   1 
# 
_exptl_crystal.id                    1 
_exptl_crystal.density_meas          ? 
_exptl_crystal.density_Matthews      3.68 
_exptl_crystal.density_percent_sol   66.54 
_exptl_crystal.description           ? 
_exptl_crystal.F_000                 ? 
_exptl_crystal.preparation           ? 
# 
_exptl_crystal_grow.crystal_id      1 
_exptl_crystal_grow.method          'VAPOR DIFFUSION, SITTING DROP' 
_exptl_crystal_grow.temp            298 
_exptl_crystal_grow.temp_details    ? 
_exptl_crystal_grow.pH              7 
_exptl_crystal_grow.pdbx_details    
;40mM pH 7 sodium cacodylate, 12mM spermine, 20mM BaCl2, 10% 2-methyl-2,4-pentanediol, 1mM oligonuclotide, 3mM lambda-[Ru(phenanthroline)2dipyridophenazine]Cl2, VAPOR DIFFUSION, SITTING DROP, temperature 298K
;
_exptl_crystal_grow.pdbx_pH_range   . 
# 
_diffrn.id                     1 
_diffrn.ambient_temp           100 
_diffrn.ambient_temp_details   ? 
_diffrn.crystal_id             1 
# 
_diffrn_detector.diffrn_id              1 
_diffrn_detector.detector               CCD 
_diffrn_detector.type                   'ADSC QUANTUM 315r' 
_diffrn_detector.pdbx_collection_date   2011-09-19 
_diffrn_detector.details                ? 
# 
_diffrn_radiation.diffrn_id                        1 
_diffrn_radiation.wavelength_id                    1 
_diffrn_radiation.pdbx_monochromatic_or_laue_m_l   M 
_diffrn_radiation.monochromator                    'Dual Si crystal' 
_diffrn_radiation.pdbx_diffrn_protocol             'SINGLE WAVELENGTH' 
_diffrn_radiation.pdbx_scattering_type             x-ray 
# 
_diffrn_radiation_wavelength.id           1 
_diffrn_radiation_wavelength.wavelength   0.9464 
_diffrn_radiation_wavelength.wt           1.0 
# 
_diffrn_source.diffrn_id                   1 
_diffrn_source.source                      SYNCHROTRON 
_diffrn_source.type                        'DIAMOND BEAMLINE I04' 
_diffrn_source.pdbx_synchrotron_site       Diamond 
_diffrn_source.pdbx_synchrotron_beamline   I04 
_diffrn_source.pdbx_wavelength             ? 
_diffrn_source.pdbx_wavelength_list        0.9464 
# 
_reflns.entry_id                     3U38 
_reflns.observed_criterion_sigma_I   1.0 
_reflns.observed_criterion_sigma_F   2.5 
_reflns.d_resolution_low             52.55 
_reflns.d_resolution_high            2.10 
_reflns.number_obs                   2783 
_reflns.number_all                   2908 
_reflns.percent_possible_obs         95.7 
_reflns.pdbx_Rmerge_I_obs            ? 
_reflns.pdbx_Rsym_value              ? 
_reflns.pdbx_netI_over_sigmaI        ? 
_reflns.B_iso_Wilson_estimate        ? 
_reflns.pdbx_redundancy              ? 
_reflns.R_free_details               ? 
_reflns.limit_h_max                  ? 
_reflns.limit_h_min                  ? 
_reflns.limit_k_max                  ? 
_reflns.limit_k_min                  ? 
_reflns.limit_l_max                  ? 
_reflns.limit_l_min                  ? 
_reflns.observed_criterion_F_max     ? 
_reflns.observed_criterion_F_min     ? 
_reflns.pdbx_chi_squared             ? 
_reflns.pdbx_scaling_rejects         ? 
_reflns.pdbx_ordinal                 1 
_reflns.pdbx_diffrn_id               1 
# 
_reflns_shell.d_res_high                  2.10 
_reflns_shell.d_res_low                   2.16 
_reflns_shell.percent_possible_all        100 
_reflns_shell.Rmerge_I_obs                ? 
_reflns_shell.pdbx_Rsym_value             ? 
_reflns_shell.meanI_over_sigI_obs         ? 
_reflns_shell.pdbx_redundancy             ? 
_reflns_shell.percent_possible_obs        ? 
_reflns_shell.number_unique_all           ? 
_reflns_shell.number_measured_all         ? 
_reflns_shell.number_measured_obs         ? 
_reflns_shell.number_unique_obs           ? 
_reflns_shell.pdbx_chi_squared            ? 
_reflns_shell.pdbx_rejects                ? 
_reflns_shell.pdbx_netI_over_sigmaI_obs   ? 
_reflns_shell.number_possible             ? 
_reflns_shell.Rmerge_F_all                ? 
_reflns_shell.Rmerge_F_obs                ? 
_reflns_shell.Rmerge_I_all                ? 
_reflns_shell.meanI_over_sigI_all         ? 
_reflns_shell.pdbx_Rrim_I_all             ? 
_reflns_shell.pdbx_Rpim_I_all             ? 
_reflns_shell.pdbx_ordinal                1 
_reflns_shell.pdbx_diffrn_id              1 
# 
_refine.entry_id                                 3U38 
_refine.ls_number_reflns_obs                     2610 
_refine.ls_number_reflns_all                     2764 
_refine.pdbx_ls_sigma_I                          ? 
_refine.pdbx_ls_sigma_F                          ? 
_refine.pdbx_data_cutoff_high_absF               ? 
_refine.pdbx_data_cutoff_low_absF                ? 
_refine.pdbx_data_cutoff_high_rms_absF           ? 
_refine.ls_d_res_low                             14.86 
_refine.ls_d_res_high                            2.13 
_refine.ls_percent_reflns_obs                    98.59 
_refine.ls_R_factor_obs                          0.17879 
_refine.ls_R_factor_all                          ? 
_refine.ls_R_factor_R_work                       0.17623 
_refine.ls_R_factor_R_free                       0.23152 
_refine.ls_R_factor_R_free_error                 ? 
_refine.ls_R_factor_R_free_error_details         ? 
_refine.ls_percent_reflns_R_free                 4.6 
_refine.ls_number_reflns_R_free                  126 
_refine.ls_number_parameters                     ? 
_refine.ls_number_restraints                     ? 
_refine.occupancy_min                            ? 
_refine.occupancy_max                            ? 
_refine.correlation_coeff_Fo_to_Fc               0.967 
_refine.correlation_coeff_Fo_to_Fc_free          0.940 
_refine.B_iso_mean                               40.415 
_refine.aniso_B[1][1]                            0.02 
_refine.aniso_B[2][2]                            0.02 
_refine.aniso_B[3][3]                            -0.05 
_refine.aniso_B[1][2]                            0.00 
_refine.aniso_B[1][3]                            0.00 
_refine.aniso_B[2][3]                            0.00 
_refine.solvent_model_details                    MASK 
_refine.solvent_model_param_ksol                 ? 
_refine.solvent_model_param_bsol                 ? 
_refine.pdbx_solvent_vdw_probe_radii             1.20 
_refine.pdbx_solvent_ion_probe_radii             0.80 
_refine.pdbx_solvent_shrinkage_radii             0.80 
_refine.pdbx_ls_cross_valid_method               THROUGHOUT 
_refine.details                                  'HYDROGENS HAVE BEEN USED IF PRESENT IN THE INPUT' 
_refine.pdbx_starting_model                      ? 
_refine.pdbx_method_to_determine_struct          SAD 
_refine.pdbx_isotropic_thermal_model             ? 
_refine.pdbx_stereochemistry_target_values       'MAXIMUM LIKELIHOOD' 
_refine.pdbx_stereochem_target_val_spec_case     ? 
_refine.pdbx_R_Free_selection_details            RANDOM 
_refine.pdbx_overall_ESU_R_Free                  0.182 
_refine.overall_SU_ML                            0.127 
_refine.pdbx_overall_phase_error                 ? 
_refine.overall_SU_B                             5.027 
_refine.overall_SU_R_Cruickshank_DPI             ? 
_refine.ls_redundancy_reflns_obs                 ? 
_refine.B_iso_min                                ? 
_refine.B_iso_max                                ? 
_refine.overall_SU_R_free                        ? 
_refine.ls_wR_factor_R_free                      ? 
_refine.ls_wR_factor_R_work                      ? 
_refine.overall_FOM_free_R_set                   ? 
_refine.overall_FOM_work_R_set                   ? 
_refine.pdbx_diffrn_id                           1 
_refine.pdbx_refine_id                           'X-RAY DIFFRACTION' 
_refine.pdbx_overall_ESU_R                       0.200 
_refine.pdbx_TLS_residual_ADP_flag               ? 
_refine.pdbx_overall_SU_R_free_Cruickshank_DPI   ? 
_refine.pdbx_overall_SU_R_Blow_DPI               ? 
_refine.pdbx_overall_SU_R_free_Blow_DPI          ? 
# 
_refine_hist.pdbx_refine_id                   'X-RAY DIFFRACTION' 
_refine_hist.cycle_id                         LAST 
_refine_hist.pdbx_number_atoms_protein        0 
_refine_hist.pdbx_number_atoms_nucleic_acid   202 
_refine_hist.pdbx_number_atoms_ligand         103 
_refine_hist.number_atoms_solvent             19 
_refine_hist.number_atoms_total               324 
_refine_hist.d_res_high                       2.13 
_refine_hist.d_res_low                        14.86 
# 
loop_
_refine_ls_restr.type 
_refine_ls_restr.dev_ideal 
_refine_ls_restr.dev_ideal_target 
_refine_ls_restr.weight 
_refine_ls_restr.number 
_refine_ls_restr.pdbx_refine_id 
_refine_ls_restr.pdbx_restraint_function 
r_bond_refined_d             0.012 0.014 ? 370 'X-RAY DIFFRACTION' ? 
r_bond_other_d               ?     ?     ? ?   'X-RAY DIFFRACTION' ? 
r_angle_refined_deg          2.972 1.927 ? 579 'X-RAY DIFFRACTION' ? 
r_angle_other_deg            ?     ?     ? ?   'X-RAY DIFFRACTION' ? 
r_dihedral_angle_1_deg       ?     ?     ? ?   'X-RAY DIFFRACTION' ? 
r_dihedral_angle_2_deg       ?     ?     ? ?   'X-RAY DIFFRACTION' ? 
r_dihedral_angle_3_deg       ?     ?     ? ?   'X-RAY DIFFRACTION' ? 
r_dihedral_angle_4_deg       ?     ?     ? ?   'X-RAY DIFFRACTION' ? 
r_chiral_restr               0.086 0.200 ? 33  'X-RAY DIFFRACTION' ? 
r_gen_planes_refined         0.021 0.020 ? 220 'X-RAY DIFFRACTION' ? 
r_gen_planes_other           ?     ?     ? ?   'X-RAY DIFFRACTION' ? 
r_nbd_refined                ?     ?     ? ?   'X-RAY DIFFRACTION' ? 
r_nbd_other                  ?     ?     ? ?   'X-RAY DIFFRACTION' ? 
r_nbtor_refined              ?     ?     ? ?   'X-RAY DIFFRACTION' ? 
r_nbtor_other                ?     ?     ? ?   'X-RAY DIFFRACTION' ? 
r_xyhbond_nbd_refined        ?     ?     ? ?   'X-RAY DIFFRACTION' ? 
r_xyhbond_nbd_other          ?     ?     ? ?   'X-RAY DIFFRACTION' ? 
r_metal_ion_refined          ?     ?     ? ?   'X-RAY DIFFRACTION' ? 
r_metal_ion_other            ?     ?     ? ?   'X-RAY DIFFRACTION' ? 
r_symmetry_vdw_refined       ?     ?     ? ?   'X-RAY DIFFRACTION' ? 
r_symmetry_vdw_other         ?     ?     ? ?   'X-RAY DIFFRACTION' ? 
r_symmetry_hbond_refined     ?     ?     ? ?   'X-RAY DIFFRACTION' ? 
r_symmetry_hbond_other       ?     ?     ? ?   'X-RAY DIFFRACTION' ? 
r_symmetry_metal_ion_refined ?     ?     ? ?   'X-RAY DIFFRACTION' ? 
r_symmetry_metal_ion_other   ?     ?     ? ?   'X-RAY DIFFRACTION' ? 
r_mcbond_it                  ?     ?     ? ?   'X-RAY DIFFRACTION' ? 
r_mcbond_other               ?     ?     ? ?   'X-RAY DIFFRACTION' ? 
r_mcangle_it                 ?     ?     ? ?   'X-RAY DIFFRACTION' ? 
r_scbond_it                  ?     ?     ? ?   'X-RAY DIFFRACTION' ? 
r_scangle_it                 ?     ?     ? ?   'X-RAY DIFFRACTION' ? 
r_rigid_bond_restr           ?     ?     ? ?   'X-RAY DIFFRACTION' ? 
r_sphericity_free            ?     ?     ? ?   'X-RAY DIFFRACTION' ? 
r_sphericity_bonded          ?     ?     ? ?   'X-RAY DIFFRACTION' ? 
# 
_refine_ls_shell.pdbx_refine_id                   'X-RAY DIFFRACTION' 
_refine_ls_shell.pdbx_total_number_of_bins_used   20 
_refine_ls_shell.d_res_high                       2.133 
_refine_ls_shell.d_res_low                        2.187 
_refine_ls_shell.number_reflns_R_work             152 
_refine_ls_shell.R_factor_R_work                  0.274 
_refine_ls_shell.percent_reflns_obs               97.53 
_refine_ls_shell.R_factor_R_free                  0.238 
_refine_ls_shell.R_factor_R_free_error            ? 
_refine_ls_shell.percent_reflns_R_free            ? 
_refine_ls_shell.number_reflns_R_free             6 
_refine_ls_shell.number_reflns_all                ? 
_refine_ls_shell.R_factor_all                     ? 
_refine_ls_shell.number_reflns_obs                ? 
_refine_ls_shell.redundancy_reflns_obs            ? 
# 
_struct.entry_id                  3U38 
_struct.title                     'Intercalation of lambda-[Ru(phen)2(dppz)]2+ into d(CCGGTACCGG)2' 
_struct.pdbx_model_details        ? 
_struct.pdbx_CASP_flag            ? 
_struct.pdbx_model_type_details   ? 
# 
_struct_keywords.entry_id        3U38 
_struct_keywords.pdbx_keywords   DNA 
_struct_keywords.text            'B-DNA, Ruthenium, DNA' 
# 
loop_
_struct_asym.id 
_struct_asym.pdbx_blank_PDB_chainid_flag 
_struct_asym.pdbx_modified 
_struct_asym.entity_id 
_struct_asym.details 
A N N 1 ? 
B N N 2 ? 
C N N 2 ? 
D N N 3 ? 
E N N 4 ? 
# 
_struct_ref.id                         1 
_struct_ref.db_name                    PDB 
_struct_ref.db_code                    3U38 
_struct_ref.pdbx_db_accession          3U38 
_struct_ref.entity_id                  1 
_struct_ref.pdbx_align_begin           ? 
_struct_ref.pdbx_seq_one_letter_code   ? 
_struct_ref.pdbx_db_isoform            ? 
# 
_struct_ref_seq.align_id                      1 
_struct_ref_seq.ref_id                        1 
_struct_ref_seq.pdbx_PDB_id_code              3U38 
_struct_ref_seq.pdbx_strand_id                A 
_struct_ref_seq.seq_align_beg                 1 
_struct_ref_seq.pdbx_seq_align_beg_ins_code   ? 
_struct_ref_seq.seq_align_end                 10 
_struct_ref_seq.pdbx_seq_align_end_ins_code   ? 
_struct_ref_seq.pdbx_db_accession             3U38 
_struct_ref_seq.db_align_beg                  1 
_struct_ref_seq.pdbx_db_align_beg_ins_code    ? 
_struct_ref_seq.db_align_end                  10 
_struct_ref_seq.pdbx_db_align_end_ins_code    ? 
_struct_ref_seq.pdbx_auth_seq_align_beg       1 
_struct_ref_seq.pdbx_auth_seq_align_end       10 
# 
_pdbx_struct_assembly.id                   1 
_pdbx_struct_assembly.details              author_and_software_defined_assembly 
_pdbx_struct_assembly.method_details       PISA 
_pdbx_struct_assembly.oligomeric_details   dimeric 
_pdbx_struct_assembly.oligomeric_count     2 
# 
loop_
_pdbx_struct_assembly_prop.biol_id 
_pdbx_struct_assembly_prop.type 
_pdbx_struct_assembly_prop.value 
_pdbx_struct_assembly_prop.details 
1 'ABSA (A^2)' 900  ? 
1 MORE         -8   ? 
1 'SSA (A^2)'  4530 ? 
# 
_pdbx_struct_assembly_gen.assembly_id       1 
_pdbx_struct_assembly_gen.oper_expression   1,2 
_pdbx_struct_assembly_gen.asym_id_list      A,B,C,D,E 
# 
loop_
_pdbx_struct_oper_list.id 
_pdbx_struct_oper_list.type 
_pdbx_struct_oper_list.name 
_pdbx_struct_oper_list.symmetry_operation 
_pdbx_struct_oper_list.matrix[1][1] 
_pdbx_struct_oper_list.matrix[1][2] 
_pdbx_struct_oper_list.matrix[1][3] 
_pdbx_struct_oper_list.vector[1] 
_pdbx_struct_oper_list.matrix[2][1] 
_pdbx_struct_oper_list.matrix[2][2] 
_pdbx_struct_oper_list.matrix[2][3] 
_pdbx_struct_oper_list.vector[2] 
_pdbx_struct_oper_list.matrix[3][1] 
_pdbx_struct_oper_list.matrix[3][2] 
_pdbx_struct_oper_list.matrix[3][3] 
_pdbx_struct_oper_list.vector[3] 
1 'identity operation'         1_555 x,y,z  1.0000000000  0.0000000000  0.0000000000  0.0000000000  0.0000000000  1.0000000000  0.0000000000 0.0000000000 0.0000000000  0.0000000000 1.0000000000 0.0000000000  
2 'crystal symmetry operation' 7_555 y,x,-z -0.6548809648 -0.4741412310 -0.5884904545 -1.1702996062 -0.4741412310 -0.3486018330 0.8084966636 5.2627561163 -0.5884904545 0.8084966636 0.0034827978 -4.9264729993 
# 
_struct_biol.id        1 
_struct_biol.details   ? 
# 
loop_
_struct_conn.id 
_struct_conn.conn_type_id 
_struct_conn.pdbx_leaving_atom_flag 
_struct_conn.pdbx_PDB_id 
_struct_conn.ptnr1_label_asym_id 
_struct_conn.ptnr1_label_comp_id 
_struct_conn.ptnr1_label_seq_id 
_struct_conn.ptnr1_label_atom_id 
_struct_conn.pdbx_ptnr1_label_alt_id 
_struct_conn.pdbx_ptnr1_PDB_ins_code 
_struct_conn.pdbx_ptnr1_standard_comp_id 
_struct_conn.ptnr1_symmetry 
_struct_conn.ptnr2_label_asym_id 
_struct_conn.ptnr2_label_comp_id 
_struct_conn.ptnr2_label_seq_id 
_struct_conn.ptnr2_label_atom_id 
_struct_conn.pdbx_ptnr2_label_alt_id 
_struct_conn.pdbx_ptnr2_PDB_ins_code 
_struct_conn.ptnr1_auth_asym_id 
_struct_conn.ptnr1_auth_comp_id 
_struct_conn.ptnr1_auth_seq_id 
_struct_conn.ptnr2_auth_asym_id 
_struct_conn.ptnr2_auth_comp_id 
_struct_conn.ptnr2_auth_seq_id 
_struct_conn.ptnr2_symmetry 
_struct_conn.pdbx_ptnr3_label_atom_id 
_struct_conn.pdbx_ptnr3_label_seq_id 
_struct_conn.pdbx_ptnr3_label_comp_id 
_struct_conn.pdbx_ptnr3_label_asym_id 
_struct_conn.pdbx_ptnr3_label_alt_id 
_struct_conn.pdbx_ptnr3_PDB_ins_code 
_struct_conn.details 
_struct_conn.pdbx_dist_value 
_struct_conn.pdbx_value_order 
_struct_conn.pdbx_role 
metalc1  metalc ? ? A DG 3 N7 ? ? ? 1_555 D BA  . BA ? ? A DG 3   A BA  103 1_555 ? ? ? ? ? ? ?            2.956 ? ? 
metalc2  metalc ? ? A DG 4 O6 ? ? ? 1_555 D BA  . BA ? ? A DG 4   A BA  103 1_555 ? ? ? ? ? ? ?            2.836 ? ? 
metalc3  metalc ? ? D BA . BA ? ? ? 1_555 E HOH . O  ? ? A BA 103 A HOH 201 1_555 ? ? ? ? ? ? ?            2.895 ? ? 
metalc4  metalc ? ? D BA . BA ? ? ? 1_555 E HOH . O  ? ? A BA 103 A HOH 202 1_555 ? ? ? ? ? ? ?            2.841 ? ? 
metalc5  metalc ? ? D BA . BA ? ? ? 1_555 E HOH . O  ? ? A BA 103 A HOH 203 1_555 ? ? ? ? ? ? ?            2.768 ? ? 
metalc6  metalc ? ? D BA . BA ? ? ? 1_555 E HOH . O  ? ? A BA 103 A HOH 205 1_555 ? ? ? ? ? ? ?            2.946 ? ? 
metalc7  metalc ? ? D BA . BA ? ? ? 1_555 E HOH . O  ? ? A BA 103 A HOH 212 1_555 ? ? ? ? ? ? ?            2.717 ? ? 
hydrog1  hydrog ? ? A DC 2 N3 ? ? ? 1_555 A DG  9 N1 ? ? A DC 2   A DG  9   7_555 ? ? ? ? ? ? WATSON-CRICK ?     ? ? 
hydrog2  hydrog ? ? A DC 2 N4 ? ? ? 1_555 A DG  9 O6 ? ? A DC 2   A DG  9   7_555 ? ? ? ? ? ? WATSON-CRICK ?     ? ? 
hydrog3  hydrog ? ? A DC 2 O2 ? ? ? 1_555 A DG  9 N2 ? ? A DC 2   A DG  9   7_555 ? ? ? ? ? ? WATSON-CRICK ?     ? ? 
hydrog4  hydrog ? ? A DG 3 N1 ? ? ? 1_555 A DC  8 N3 ? ? A DG 3   A DC  8   7_555 ? ? ? ? ? ? WATSON-CRICK ?     ? ? 
hydrog5  hydrog ? ? A DG 3 N2 ? ? ? 1_555 A DC  8 O2 ? ? A DG 3   A DC  8   7_555 ? ? ? ? ? ? WATSON-CRICK ?     ? ? 
hydrog6  hydrog ? ? A DG 3 O6 ? ? ? 1_555 A DC  8 N4 ? ? A DG 3   A DC  8   7_555 ? ? ? ? ? ? WATSON-CRICK ?     ? ? 
hydrog7  hydrog ? ? A DG 4 N1 ? ? ? 1_555 A DC  7 N3 ? ? A DG 4   A DC  7   7_555 ? ? ? ? ? ? WATSON-CRICK ?     ? ? 
hydrog8  hydrog ? ? A DG 4 N2 ? ? ? 1_555 A DC  7 O2 ? ? A DG 4   A DC  7   7_555 ? ? ? ? ? ? WATSON-CRICK ?     ? ? 
hydrog9  hydrog ? ? A DG 4 O6 ? ? ? 1_555 A DC  7 N4 ? ? A DG 4   A DC  7   7_555 ? ? ? ? ? ? WATSON-CRICK ?     ? ? 
hydrog10 hydrog ? ? A DT 5 N3 ? ? ? 1_555 A DA  6 N1 ? ? A DT 5   A DA  6   7_555 ? ? ? ? ? ? WATSON-CRICK ?     ? ? 
hydrog11 hydrog ? ? A DT 5 O4 ? ? ? 1_555 A DA  6 N6 ? ? A DT 5   A DA  6   7_555 ? ? ? ? ? ? WATSON-CRICK ?     ? ? 
hydrog12 hydrog ? ? A DA 6 N1 ? ? ? 1_555 A DT  5 N3 ? ? A DA 6   A DT  5   7_555 ? ? ? ? ? ? WATSON-CRICK ?     ? ? 
hydrog13 hydrog ? ? A DA 6 N6 ? ? ? 1_555 A DT  5 O4 ? ? A DA 6   A DT  5   7_555 ? ? ? ? ? ? WATSON-CRICK ?     ? ? 
hydrog14 hydrog ? ? A DC 7 N3 ? ? ? 1_555 A DG  4 N1 ? ? A DC 7   A DG  4   7_555 ? ? ? ? ? ? WATSON-CRICK ?     ? ? 
hydrog15 hydrog ? ? A DC 7 N4 ? ? ? 1_555 A DG  4 O6 ? ? A DC 7   A DG  4   7_555 ? ? ? ? ? ? WATSON-CRICK ?     ? ? 
hydrog16 hydrog ? ? A DC 7 O2 ? ? ? 1_555 A DG  4 N2 ? ? A DC 7   A DG  4   7_555 ? ? ? ? ? ? WATSON-CRICK ?     ? ? 
hydrog17 hydrog ? ? A DC 8 N3 ? ? ? 1_555 A DG  3 N1 ? ? A DC 8   A DG  3   7_555 ? ? ? ? ? ? WATSON-CRICK ?     ? ? 
hydrog18 hydrog ? ? A DC 8 N4 ? ? ? 1_555 A DG  3 O6 ? ? A DC 8   A DG  3   7_555 ? ? ? ? ? ? WATSON-CRICK ?     ? ? 
hydrog19 hydrog ? ? A DC 8 O2 ? ? ? 1_555 A DG  3 N2 ? ? A DC 8   A DG  3   7_555 ? ? ? ? ? ? WATSON-CRICK ?     ? ? 
hydrog20 hydrog ? ? A DG 9 N1 ? ? ? 1_555 A DC  2 N3 ? ? A DG 9   A DC  2   7_555 ? ? ? ? ? ? WATSON-CRICK ?     ? ? 
hydrog21 hydrog ? ? A DG 9 N2 ? ? ? 1_555 A DC  2 O2 ? ? A DG 9   A DC  2   7_555 ? ? ? ? ? ? WATSON-CRICK ?     ? ? 
hydrog22 hydrog ? ? A DG 9 O6 ? ? ? 1_555 A DC  2 N4 ? ? A DG 9   A DC  2   7_555 ? ? ? ? ? ? WATSON-CRICK ?     ? ? 
# 
loop_
_struct_conn_type.id 
_struct_conn_type.criteria 
_struct_conn_type.reference 
metalc ? ? 
hydrog ? ? 
# 
loop_
_pdbx_struct_conn_angle.id 
_pdbx_struct_conn_angle.ptnr1_label_atom_id 
_pdbx_struct_conn_angle.ptnr1_label_alt_id 
_pdbx_struct_conn_angle.ptnr1_label_asym_id 
_pdbx_struct_conn_angle.ptnr1_label_comp_id 
_pdbx_struct_conn_angle.ptnr1_label_seq_id 
_pdbx_struct_conn_angle.ptnr1_auth_atom_id 
_pdbx_struct_conn_angle.ptnr1_auth_asym_id 
_pdbx_struct_conn_angle.ptnr1_auth_comp_id 
_pdbx_struct_conn_angle.ptnr1_auth_seq_id 
_pdbx_struct_conn_angle.ptnr1_PDB_ins_code 
_pdbx_struct_conn_angle.ptnr1_symmetry 
_pdbx_struct_conn_angle.ptnr2_label_atom_id 
_pdbx_struct_conn_angle.ptnr2_label_alt_id 
_pdbx_struct_conn_angle.ptnr2_label_asym_id 
_pdbx_struct_conn_angle.ptnr2_label_comp_id 
_pdbx_struct_conn_angle.ptnr2_label_seq_id 
_pdbx_struct_conn_angle.ptnr2_auth_atom_id 
_pdbx_struct_conn_angle.ptnr2_auth_asym_id 
_pdbx_struct_conn_angle.ptnr2_auth_comp_id 
_pdbx_struct_conn_angle.ptnr2_auth_seq_id 
_pdbx_struct_conn_angle.ptnr2_PDB_ins_code 
_pdbx_struct_conn_angle.ptnr2_symmetry 
_pdbx_struct_conn_angle.ptnr3_label_atom_id 
_pdbx_struct_conn_angle.ptnr3_label_alt_id 
_pdbx_struct_conn_angle.ptnr3_label_asym_id 
_pdbx_struct_conn_angle.ptnr3_label_comp_id 
_pdbx_struct_conn_angle.ptnr3_label_seq_id 
_pdbx_struct_conn_angle.ptnr3_auth_atom_id 
_pdbx_struct_conn_angle.ptnr3_auth_asym_id 
_pdbx_struct_conn_angle.ptnr3_auth_comp_id 
_pdbx_struct_conn_angle.ptnr3_auth_seq_id 
_pdbx_struct_conn_angle.ptnr3_PDB_ins_code 
_pdbx_struct_conn_angle.ptnr3_symmetry 
_pdbx_struct_conn_angle.value 
_pdbx_struct_conn_angle.value_esd 
1  N7 ? A DG  3 ? A DG  3   ? 1_555 BA ? D BA . ? A BA 103 ? 1_555 O6 ? A DG  4 ? A DG  4   ? 1_555 74.2  ? 
2  N7 ? A DG  3 ? A DG  3   ? 1_555 BA ? D BA . ? A BA 103 ? 1_555 O  ? E HOH . ? A HOH 201 ? 1_555 148.1 ? 
3  O6 ? A DG  4 ? A DG  4   ? 1_555 BA ? D BA . ? A BA 103 ? 1_555 O  ? E HOH . ? A HOH 201 ? 1_555 134.5 ? 
4  N7 ? A DG  3 ? A DG  3   ? 1_555 BA ? D BA . ? A BA 103 ? 1_555 O  ? E HOH . ? A HOH 202 ? 1_555 70.5  ? 
5  O6 ? A DG  4 ? A DG  4   ? 1_555 BA ? D BA . ? A BA 103 ? 1_555 O  ? E HOH . ? A HOH 202 ? 1_555 69.4  ? 
6  O  ? E HOH . ? A HOH 201 ? 1_555 BA ? D BA . ? A BA 103 ? 1_555 O  ? E HOH . ? A HOH 202 ? 1_555 126.9 ? 
7  N7 ? A DG  3 ? A DG  3   ? 1_555 BA ? D BA . ? A BA 103 ? 1_555 O  ? E HOH . ? A HOH 203 ? 1_555 77.0  ? 
8  O6 ? A DG  4 ? A DG  4   ? 1_555 BA ? D BA . ? A BA 103 ? 1_555 O  ? E HOH . ? A HOH 203 ? 1_555 139.7 ? 
9  O  ? E HOH . ? A HOH 201 ? 1_555 BA ? D BA . ? A BA 103 ? 1_555 O  ? E HOH . ? A HOH 203 ? 1_555 82.4  ? 
10 O  ? E HOH . ? A HOH 202 ? 1_555 BA ? D BA . ? A BA 103 ? 1_555 O  ? E HOH . ? A HOH 203 ? 1_555 74.8  ? 
11 N7 ? A DG  3 ? A DG  3   ? 1_555 BA ? D BA . ? A BA 103 ? 1_555 O  ? E HOH . ? A HOH 205 ? 1_555 76.7  ? 
12 O6 ? A DG  4 ? A DG  4   ? 1_555 BA ? D BA . ? A BA 103 ? 1_555 O  ? E HOH . ? A HOH 205 ? 1_555 130.5 ? 
13 O  ? E HOH . ? A HOH 201 ? 1_555 BA ? D BA . ? A BA 103 ? 1_555 O  ? E HOH . ? A HOH 205 ? 1_555 72.8  ? 
14 O  ? E HOH . ? A HOH 202 ? 1_555 BA ? D BA . ? A BA 103 ? 1_555 O  ? E HOH . ? A HOH 205 ? 1_555 134.0 ? 
15 O  ? E HOH . ? A HOH 203 ? 1_555 BA ? D BA . ? A BA 103 ? 1_555 O  ? E HOH . ? A HOH 205 ? 1_555 67.0  ? 
16 N7 ? A DG  3 ? A DG  3   ? 1_555 BA ? D BA . ? A BA 103 ? 1_555 O  ? E HOH . ? A HOH 212 ? 1_555 140.2 ? 
17 O6 ? A DG  4 ? A DG  4   ? 1_555 BA ? D BA . ? A BA 103 ? 1_555 O  ? E HOH . ? A HOH 212 ? 1_555 95.0  ? 
18 O  ? E HOH . ? A HOH 201 ? 1_555 BA ? D BA . ? A BA 103 ? 1_555 O  ? E HOH . ? A HOH 212 ? 1_555 62.5  ? 
19 O  ? E HOH . ? A HOH 202 ? 1_555 BA ? D BA . ? A BA 103 ? 1_555 O  ? E HOH . ? A HOH 212 ? 1_555 69.9  ? 
20 O  ? E HOH . ? A HOH 203 ? 1_555 BA ? D BA . ? A BA 103 ? 1_555 O  ? E HOH . ? A HOH 212 ? 1_555 89.5  ? 
21 O  ? E HOH . ? A HOH 205 ? 1_555 BA ? D BA . ? A BA 103 ? 1_555 O  ? E HOH . ? A HOH 212 ? 1_555 131.9 ? 
# 
loop_
_struct_site.id 
_struct_site.pdbx_evidence_code 
_struct_site.pdbx_auth_asym_id 
_struct_site.pdbx_auth_comp_id 
_struct_site.pdbx_auth_seq_id 
_struct_site.pdbx_auth_ins_code 
_struct_site.pdbx_num_residues 
_struct_site.details 
AC1 Software A RKP 101 ? 9 'BINDING SITE FOR RESIDUE RKP A 101' 
AC2 Software A RKP 102 ? 7 'BINDING SITE FOR RESIDUE RKP A 102' 
AC3 Software A BA  103 ? 8 'BINDING SITE FOR RESIDUE BA A 103'  
# 
loop_
_struct_site_gen.id 
_struct_site_gen.site_id 
_struct_site_gen.pdbx_num_res 
_struct_site_gen.label_comp_id 
_struct_site_gen.label_asym_id 
_struct_site_gen.label_seq_id 
_struct_site_gen.pdbx_auth_ins_code 
_struct_site_gen.auth_comp_id 
_struct_site_gen.auth_asym_id 
_struct_site_gen.auth_seq_id 
_struct_site_gen.label_atom_id 
_struct_site_gen.label_alt_id 
_struct_site_gen.symmetry 
_struct_site_gen.details 
1  AC1 9 DC  A 1  ? DC  A 1   . ? 7_555 ? 
2  AC1 9 DC  A 2  ? DC  A 2   . ? 7_555 ? 
3  AC1 9 DG  A 3  ? DG  A 3   . ? 7_555 ? 
4  AC1 9 DG  A 3  ? DG  A 3   . ? 6_555 ? 
5  AC1 9 DG  A 4  ? DG  A 4   . ? 6_555 ? 
6  AC1 9 DC  A 7  ? DC  A 7   . ? 4_555 ? 
7  AC1 9 DC  A 8  ? DC  A 8   . ? 4_555 ? 
8  AC1 9 DG  A 9  ? DG  A 9   . ? 1_555 ? 
9  AC1 9 DG  A 10 ? DG  A 10  . ? 1_555 ? 
10 AC2 7 DG  A 4  ? DG  A 4   . ? 1_555 ? 
11 AC2 7 DT  A 5  ? DT  A 5   . ? 1_555 ? 
12 AC2 7 DT  A 5  ? DT  A 5   . ? 7_555 ? 
13 AC2 7 DA  A 6  ? DA  A 6   . ? 1_555 ? 
14 AC2 7 DA  A 6  ? DA  A 6   . ? 7_555 ? 
15 AC2 7 DC  A 7  ? DC  A 7   . ? 7_555 ? 
16 AC2 7 DC  A 7  ? DC  A 7   . ? 1_555 ? 
17 AC3 8 DG  A 3  ? DG  A 3   . ? 1_555 ? 
18 AC3 8 DG  A 4  ? DG  A 4   . ? 1_555 ? 
19 AC3 8 DT  A 5  ? DT  A 5   . ? 1_555 ? 
20 AC3 8 HOH E .  ? HOH A 201 . ? 1_555 ? 
21 AC3 8 HOH E .  ? HOH A 202 . ? 1_555 ? 
22 AC3 8 HOH E .  ? HOH A 203 . ? 1_555 ? 
23 AC3 8 HOH E .  ? HOH A 205 . ? 1_555 ? 
24 AC3 8 HOH E .  ? HOH A 212 . ? 1_555 ? 
# 
loop_
_pdbx_validate_rmsd_angle.id 
_pdbx_validate_rmsd_angle.PDB_model_num 
_pdbx_validate_rmsd_angle.auth_atom_id_1 
_pdbx_validate_rmsd_angle.auth_asym_id_1 
_pdbx_validate_rmsd_angle.auth_comp_id_1 
_pdbx_validate_rmsd_angle.auth_seq_id_1 
_pdbx_validate_rmsd_angle.PDB_ins_code_1 
_pdbx_validate_rmsd_angle.label_alt_id_1 
_pdbx_validate_rmsd_angle.auth_atom_id_2 
_pdbx_validate_rmsd_angle.auth_asym_id_2 
_pdbx_validate_rmsd_angle.auth_comp_id_2 
_pdbx_validate_rmsd_angle.auth_seq_id_2 
_pdbx_validate_rmsd_angle.PDB_ins_code_2 
_pdbx_validate_rmsd_angle.label_alt_id_2 
_pdbx_validate_rmsd_angle.auth_atom_id_3 
_pdbx_validate_rmsd_angle.auth_asym_id_3 
_pdbx_validate_rmsd_angle.auth_comp_id_3 
_pdbx_validate_rmsd_angle.auth_seq_id_3 
_pdbx_validate_rmsd_angle.PDB_ins_code_3 
_pdbx_validate_rmsd_angle.label_alt_id_3 
_pdbx_validate_rmsd_angle.angle_value 
_pdbx_validate_rmsd_angle.angle_target_value 
_pdbx_validate_rmsd_angle.angle_deviation 
_pdbx_validate_rmsd_angle.angle_standard_deviation 
_pdbx_validate_rmsd_angle.linker_flag 
1 1 "C3'" A DC 1 ? C "O3'" A DC 1 ? C P   A DC 2  ? ? 130.83 119.70 11.13 1.20 Y 
2 1 "O5'" A DC 2 ? ? P     A DC 2 ? ? OP1 A DC 2  ? ? 98.46  105.70 -7.24 0.90 N 
3 1 "C3'" A DG 9 ? ? "O3'" A DG 9 ? ? P   A DG 10 ? ? 110.11 119.70 -9.59 1.20 Y 
# 
_pdbx_struct_special_symmetry.id              1 
_pdbx_struct_special_symmetry.PDB_model_num   1 
_pdbx_struct_special_symmetry.auth_asym_id    A 
_pdbx_struct_special_symmetry.auth_comp_id    RKP 
_pdbx_struct_special_symmetry.auth_seq_id     102 
_pdbx_struct_special_symmetry.PDB_ins_code    ? 
_pdbx_struct_special_symmetry.label_asym_id   C 
_pdbx_struct_special_symmetry.label_comp_id   RKP 
_pdbx_struct_special_symmetry.label_seq_id    . 
# 
loop_
_chem_comp_atom.comp_id 
_chem_comp_atom.atom_id 
_chem_comp_atom.type_symbol 
_chem_comp_atom.pdbx_aromatic_flag 
_chem_comp_atom.pdbx_stereo_config 
_chem_comp_atom.pdbx_ordinal 
BA  BA     BA N N 1   
DA  OP3    O  N N 2   
DA  P      P  N N 3   
DA  OP1    O  N N 4   
DA  OP2    O  N N 5   
DA  "O5'"  O  N N 6   
DA  "C5'"  C  N N 7   
DA  "C4'"  C  N R 8   
DA  "O4'"  O  N N 9   
DA  "C3'"  C  N S 10  
DA  "O3'"  O  N N 11  
DA  "C2'"  C  N N 12  
DA  "C1'"  C  N R 13  
DA  N9     N  Y N 14  
DA  C8     C  Y N 15  
DA  N7     N  Y N 16  
DA  C5     C  Y N 17  
DA  C6     C  Y N 18  
DA  N6     N  N N 19  
DA  N1     N  Y N 20  
DA  C2     C  Y N 21  
DA  N3     N  Y N 22  
DA  C4     C  Y N 23  
DA  HOP3   H  N N 24  
DA  HOP2   H  N N 25  
DA  "H5'"  H  N N 26  
DA  "H5''" H  N N 27  
DA  "H4'"  H  N N 28  
DA  "H3'"  H  N N 29  
DA  "HO3'" H  N N 30  
DA  "H2'"  H  N N 31  
DA  "H2''" H  N N 32  
DA  "H1'"  H  N N 33  
DA  H8     H  N N 34  
DA  H61    H  N N 35  
DA  H62    H  N N 36  
DA  H2     H  N N 37  
DC  OP3    O  N N 38  
DC  P      P  N N 39  
DC  OP1    O  N N 40  
DC  OP2    O  N N 41  
DC  "O5'"  O  N N 42  
DC  "C5'"  C  N N 43  
DC  "C4'"  C  N R 44  
DC  "O4'"  O  N N 45  
DC  "C3'"  C  N S 46  
DC  "O3'"  O  N N 47  
DC  "C2'"  C  N N 48  
DC  "C1'"  C  N R 49  
DC  N1     N  N N 50  
DC  C2     C  N N 51  
DC  O2     O  N N 52  
DC  N3     N  N N 53  
DC  C4     C  N N 54  
DC  N4     N  N N 55  
DC  C5     C  N N 56  
DC  C6     C  N N 57  
DC  HOP3   H  N N 58  
DC  HOP2   H  N N 59  
DC  "H5'"  H  N N 60  
DC  "H5''" H  N N 61  
DC  "H4'"  H  N N 62  
DC  "H3'"  H  N N 63  
DC  "HO3'" H  N N 64  
DC  "H2'"  H  N N 65  
DC  "H2''" H  N N 66  
DC  "H1'"  H  N N 67  
DC  H41    H  N N 68  
DC  H42    H  N N 69  
DC  H5     H  N N 70  
DC  H6     H  N N 71  
DG  OP3    O  N N 72  
DG  P      P  N N 73  
DG  OP1    O  N N 74  
DG  OP2    O  N N 75  
DG  "O5'"  O  N N 76  
DG  "C5'"  C  N N 77  
DG  "C4'"  C  N R 78  
DG  "O4'"  O  N N 79  
DG  "C3'"  C  N S 80  
DG  "O3'"  O  N N 81  
DG  "C2'"  C  N N 82  
DG  "C1'"  C  N R 83  
DG  N9     N  Y N 84  
DG  C8     C  Y N 85  
DG  N7     N  Y N 86  
DG  C5     C  Y N 87  
DG  C6     C  N N 88  
DG  O6     O  N N 89  
DG  N1     N  N N 90  
DG  C2     C  N N 91  
DG  N2     N  N N 92  
DG  N3     N  N N 93  
DG  C4     C  Y N 94  
DG  HOP3   H  N N 95  
DG  HOP2   H  N N 96  
DG  "H5'"  H  N N 97  
DG  "H5''" H  N N 98  
DG  "H4'"  H  N N 99  
DG  "H3'"  H  N N 100 
DG  "HO3'" H  N N 101 
DG  "H2'"  H  N N 102 
DG  "H2''" H  N N 103 
DG  "H1'"  H  N N 104 
DG  H8     H  N N 105 
DG  H1     H  N N 106 
DG  H21    H  N N 107 
DG  H22    H  N N 108 
DT  OP3    O  N N 109 
DT  P      P  N N 110 
DT  OP1    O  N N 111 
DT  OP2    O  N N 112 
DT  "O5'"  O  N N 113 
DT  "C5'"  C  N N 114 
DT  "C4'"  C  N R 115 
DT  "O4'"  O  N N 116 
DT  "C3'"  C  N S 117 
DT  "O3'"  O  N N 118 
DT  "C2'"  C  N N 119 
DT  "C1'"  C  N R 120 
DT  N1     N  N N 121 
DT  C2     C  N N 122 
DT  O2     O  N N 123 
DT  N3     N  N N 124 
DT  C4     C  N N 125 
DT  O4     O  N N 126 
DT  C5     C  N N 127 
DT  C7     C  N N 128 
DT  C6     C  N N 129 
DT  HOP3   H  N N 130 
DT  HOP2   H  N N 131 
DT  "H5'"  H  N N 132 
DT  "H5''" H  N N 133 
DT  "H4'"  H  N N 134 
DT  "H3'"  H  N N 135 
DT  "HO3'" H  N N 136 
DT  "H2'"  H  N N 137 
DT  "H2''" H  N N 138 
DT  "H1'"  H  N N 139 
DT  H3     H  N N 140 
DT  H71    H  N N 141 
DT  H72    H  N N 142 
DT  H73    H  N N 143 
DT  H6     H  N N 144 
HOH O      O  N N 145 
HOH H1     H  N N 146 
HOH H2     H  N N 147 
RKP RU     RU N N 148 
RKP C1     C  Y N 149 
RKP N1     N  Y N 150 
RKP C2     C  Y N 151 
RKP N2     N  Y N 152 
RKP C3     C  Y N 153 
RKP N3     N  Y N 154 
RKP C4     C  Y N 155 
RKP N4     N  Y N 156 
RKP C5     C  Y N 157 
RKP N5     N  Y N 158 
RKP C6     C  Y N 159 
RKP C7     C  Y N 160 
RKP C8     C  Y N 161 
RKP N8     N  Y N 162 
RKP C9     C  Y N 163 
RKP N9     N  Y N 164 
RKP C10    C  Y N 165 
RKP C11    C  Y N 166 
RKP C12    C  Y N 167 
RKP N12    N  Y N 168 
RKP C13    C  Y N 169 
RKP C14    C  Y N 170 
RKP C15    C  Y N 171 
RKP C16    C  Y N 172 
RKP C17    C  Y N 173 
RKP C18    C  Y N 174 
RKP C19    C  Y N 175 
RKP C20    C  Y N 176 
RKP C21    C  Y N 177 
RKP C22    C  Y N 178 
RKP C23    C  Y N 179 
RKP C24    C  Y N 180 
RKP C25    C  Y N 181 
RKP C26    C  Y N 182 
RKP C27    C  Y N 183 
RKP C28    C  Y N 184 
RKP C29    C  Y N 185 
RKP C30    C  Y N 186 
RKP C31    C  Y N 187 
RKP C32    C  Y N 188 
RKP C33    C  Y N 189 
RKP C34    C  Y N 190 
RKP C35    C  Y N 191 
RKP C36    C  Y N 192 
RKP C37    C  Y N 193 
RKP C38    C  Y N 194 
RKP C41    C  Y N 195 
RKP C42    C  Y N 196 
RKP C43    C  Y N 197 
RKP C44    C  Y N 198 
RKP H2     H  N N 199 
RKP H3     H  N N 200 
RKP H4     H  N N 201 
RKP H9     H  N N 202 
RKP H11    H  N N 203 
RKP H12    H  N N 204 
RKP H14    H  N N 205 
RKP H16    H  N N 206 
RKP H17    H  N N 207 
RKP H18    H  N N 208 
RKP H20    H  N N 209 
RKP H21    H  N N 210 
RKP H23    H  N N 211 
RKP H24    H  N N 212 
RKP H27    H  N N 213 
RKP H28    H  N N 214 
RKP H30    H  N N 215 
RKP H31    H  N N 216 
RKP H33    H  N N 217 
RKP H34    H  N N 218 
RKP H37    H  N N 219 
RKP H38    H  N N 220 
RKP H41    H  N N 221 
RKP H42    H  N N 222 
RKP H43    H  N N 223 
RKP H44    H  N N 224 
# 
loop_
_chem_comp_bond.comp_id 
_chem_comp_bond.atom_id_1 
_chem_comp_bond.atom_id_2 
_chem_comp_bond.value_order 
_chem_comp_bond.pdbx_aromatic_flag 
_chem_comp_bond.pdbx_stereo_config 
_chem_comp_bond.pdbx_ordinal 
DA  OP3   P      sing N N 1   
DA  OP3   HOP3   sing N N 2   
DA  P     OP1    doub N N 3   
DA  P     OP2    sing N N 4   
DA  P     "O5'"  sing N N 5   
DA  OP2   HOP2   sing N N 6   
DA  "O5'" "C5'"  sing N N 7   
DA  "C5'" "C4'"  sing N N 8   
DA  "C5'" "H5'"  sing N N 9   
DA  "C5'" "H5''" sing N N 10  
DA  "C4'" "O4'"  sing N N 11  
DA  "C4'" "C3'"  sing N N 12  
DA  "C4'" "H4'"  sing N N 13  
DA  "O4'" "C1'"  sing N N 14  
DA  "C3'" "O3'"  sing N N 15  
DA  "C3'" "C2'"  sing N N 16  
DA  "C3'" "H3'"  sing N N 17  
DA  "O3'" "HO3'" sing N N 18  
DA  "C2'" "C1'"  sing N N 19  
DA  "C2'" "H2'"  sing N N 20  
DA  "C2'" "H2''" sing N N 21  
DA  "C1'" N9     sing N N 22  
DA  "C1'" "H1'"  sing N N 23  
DA  N9    C8     sing Y N 24  
DA  N9    C4     sing Y N 25  
DA  C8    N7     doub Y N 26  
DA  C8    H8     sing N N 27  
DA  N7    C5     sing Y N 28  
DA  C5    C6     sing Y N 29  
DA  C5    C4     doub Y N 30  
DA  C6    N6     sing N N 31  
DA  C6    N1     doub Y N 32  
DA  N6    H61    sing N N 33  
DA  N6    H62    sing N N 34  
DA  N1    C2     sing Y N 35  
DA  C2    N3     doub Y N 36  
DA  C2    H2     sing N N 37  
DA  N3    C4     sing Y N 38  
DC  OP3   P      sing N N 39  
DC  OP3   HOP3   sing N N 40  
DC  P     OP1    doub N N 41  
DC  P     OP2    sing N N 42  
DC  P     "O5'"  sing N N 43  
DC  OP2   HOP2   sing N N 44  
DC  "O5'" "C5'"  sing N N 45  
DC  "C5'" "C4'"  sing N N 46  
DC  "C5'" "H5'"  sing N N 47  
DC  "C5'" "H5''" sing N N 48  
DC  "C4'" "O4'"  sing N N 49  
DC  "C4'" "C3'"  sing N N 50  
DC  "C4'" "H4'"  sing N N 51  
DC  "O4'" "C1'"  sing N N 52  
DC  "C3'" "O3'"  sing N N 53  
DC  "C3'" "C2'"  sing N N 54  
DC  "C3'" "H3'"  sing N N 55  
DC  "O3'" "HO3'" sing N N 56  
DC  "C2'" "C1'"  sing N N 57  
DC  "C2'" "H2'"  sing N N 58  
DC  "C2'" "H2''" sing N N 59  
DC  "C1'" N1     sing N N 60  
DC  "C1'" "H1'"  sing N N 61  
DC  N1    C2     sing N N 62  
DC  N1    C6     sing N N 63  
DC  C2    O2     doub N N 64  
DC  C2    N3     sing N N 65  
DC  N3    C4     doub N N 66  
DC  C4    N4     sing N N 67  
DC  C4    C5     sing N N 68  
DC  N4    H41    sing N N 69  
DC  N4    H42    sing N N 70  
DC  C5    C6     doub N N 71  
DC  C5    H5     sing N N 72  
DC  C6    H6     sing N N 73  
DG  OP3   P      sing N N 74  
DG  OP3   HOP3   sing N N 75  
DG  P     OP1    doub N N 76  
DG  P     OP2    sing N N 77  
DG  P     "O5'"  sing N N 78  
DG  OP2   HOP2   sing N N 79  
DG  "O5'" "C5'"  sing N N 80  
DG  "C5'" "C4'"  sing N N 81  
DG  "C5'" "H5'"  sing N N 82  
DG  "C5'" "H5''" sing N N 83  
DG  "C4'" "O4'"  sing N N 84  
DG  "C4'" "C3'"  sing N N 85  
DG  "C4'" "H4'"  sing N N 86  
DG  "O4'" "C1'"  sing N N 87  
DG  "C3'" "O3'"  sing N N 88  
DG  "C3'" "C2'"  sing N N 89  
DG  "C3'" "H3'"  sing N N 90  
DG  "O3'" "HO3'" sing N N 91  
DG  "C2'" "C1'"  sing N N 92  
DG  "C2'" "H2'"  sing N N 93  
DG  "C2'" "H2''" sing N N 94  
DG  "C1'" N9     sing N N 95  
DG  "C1'" "H1'"  sing N N 96  
DG  N9    C8     sing Y N 97  
DG  N9    C4     sing Y N 98  
DG  C8    N7     doub Y N 99  
DG  C8    H8     sing N N 100 
DG  N7    C5     sing Y N 101 
DG  C5    C6     sing N N 102 
DG  C5    C4     doub Y N 103 
DG  C6    O6     doub N N 104 
DG  C6    N1     sing N N 105 
DG  N1    C2     sing N N 106 
DG  N1    H1     sing N N 107 
DG  C2    N2     sing N N 108 
DG  C2    N3     doub N N 109 
DG  N2    H21    sing N N 110 
DG  N2    H22    sing N N 111 
DG  N3    C4     sing N N 112 
DT  OP3   P      sing N N 113 
DT  OP3   HOP3   sing N N 114 
DT  P     OP1    doub N N 115 
DT  P     OP2    sing N N 116 
DT  P     "O5'"  sing N N 117 
DT  OP2   HOP2   sing N N 118 
DT  "O5'" "C5'"  sing N N 119 
DT  "C5'" "C4'"  sing N N 120 
DT  "C5'" "H5'"  sing N N 121 
DT  "C5'" "H5''" sing N N 122 
DT  "C4'" "O4'"  sing N N 123 
DT  "C4'" "C3'"  sing N N 124 
DT  "C4'" "H4'"  sing N N 125 
DT  "O4'" "C1'"  sing N N 126 
DT  "C3'" "O3'"  sing N N 127 
DT  "C3'" "C2'"  sing N N 128 
DT  "C3'" "H3'"  sing N N 129 
DT  "O3'" "HO3'" sing N N 130 
DT  "C2'" "C1'"  sing N N 131 
DT  "C2'" "H2'"  sing N N 132 
DT  "C2'" "H2''" sing N N 133 
DT  "C1'" N1     sing N N 134 
DT  "C1'" "H1'"  sing N N 135 
DT  N1    C2     sing N N 136 
DT  N1    C6     sing N N 137 
DT  C2    O2     doub N N 138 
DT  C2    N3     sing N N 139 
DT  N3    C4     sing N N 140 
DT  N3    H3     sing N N 141 
DT  C4    O4     doub N N 142 
DT  C4    C5     sing N N 143 
DT  C5    C7     sing N N 144 
DT  C5    C6     doub N N 145 
DT  C7    H71    sing N N 146 
DT  C7    H72    sing N N 147 
DT  C7    H73    sing N N 148 
DT  C6    H6     sing N N 149 
HOH O     H1     sing N N 150 
HOH O     H2     sing N N 151 
RKP C1    N2     sing Y N 152 
RKP C1    C5     doub Y N 153 
RKP C1    C10    sing Y N 154 
RKP N1    C10    sing Y N 155 
RKP N1    C12    doub Y N 156 
RKP C2    N2     doub Y N 157 
RKP C2    C3     sing Y N 158 
RKP C3    C4     doub Y N 159 
RKP N3    C6     sing Y N 160 
RKP N3    C15    doub Y N 161 
RKP C4    C5     sing Y N 162 
RKP N4    C7     sing Y N 163 
RKP N4    C13    doub Y N 164 
RKP C5    C6     sing Y N 165 
RKP N5    C19    sing Y N 166 
RKP N5    C20    doub Y N 167 
RKP C6    C7     doub Y N 168 
RKP C7    C8     sing Y N 169 
RKP C8    C9     sing Y N 170 
RKP C8    C10    doub Y N 171 
RKP N8    C26    sing Y N 172 
RKP N8    C28    doub Y N 173 
RKP C9    C11    doub Y N 174 
RKP N9    C29    sing Y N 175 
RKP N9    C30    doub Y N 176 
RKP C11   C12    sing Y N 177 
RKP N12   C36    sing Y N 178 
RKP N12   C38    doub Y N 179 
RKP C13   C14    sing Y N 180 
RKP C13   C15    sing Y N 181 
RKP C14   C18    doub Y N 182 
RKP C15   C16    sing Y N 183 
RKP C16   C17    doub Y N 184 
RKP C17   C18    sing Y N 185 
RKP C19   C22    doub Y N 186 
RKP C19   C26    sing Y N 187 
RKP C20   C21    sing Y N 188 
RKP C21   C41    doub Y N 189 
RKP C22   C23    sing Y N 190 
RKP C22   C41    sing Y N 191 
RKP C23   C24    doub Y N 192 
RKP C24   C25    sing Y N 193 
RKP C25   C26    doub Y N 194 
RKP C25   C42    sing Y N 195 
RKP C27   C28    sing Y N 196 
RKP C27   C42    doub Y N 197 
RKP C29   C32    doub Y N 198 
RKP C29   C36    sing Y N 199 
RKP C30   C31    sing Y N 200 
RKP C31   C43    doub Y N 201 
RKP C32   C33    sing Y N 202 
RKP C32   C43    sing Y N 203 
RKP C33   C34    doub Y N 204 
RKP C34   C35    sing Y N 205 
RKP C35   C36    doub Y N 206 
RKP C35   C44    sing Y N 207 
RKP C37   C38    sing Y N 208 
RKP C37   C44    doub Y N 209 
RKP C2    H2     sing N N 210 
RKP C3    H3     sing N N 211 
RKP C4    H4     sing N N 212 
RKP C9    H9     sing N N 213 
RKP C11   H11    sing N N 214 
RKP C12   H12    sing N N 215 
RKP C14   H14    sing N N 216 
RKP C16   H16    sing N N 217 
RKP C17   H17    sing N N 218 
RKP C18   H18    sing N N 219 
RKP C20   H20    sing N N 220 
RKP C21   H21    sing N N 221 
RKP C23   H23    sing N N 222 
RKP C24   H24    sing N N 223 
RKP C27   H27    sing N N 224 
RKP C28   H28    sing N N 225 
RKP C30   H30    sing N N 226 
RKP C31   H31    sing N N 227 
RKP C33   H33    sing N N 228 
RKP C34   H34    sing N N 229 
RKP C37   H37    sing N N 230 
RKP C38   H38    sing N N 231 
RKP C41   H41    sing N N 232 
RKP C42   H42    sing N N 233 
RKP C43   H43    sing N N 234 
RKP C44   H44    sing N N 235 
RKP RU    N1     sing N N 236 
RKP RU    N2     sing N N 237 
RKP RU    N5     sing N N 238 
RKP RU    N8     sing N N 239 
RKP RU    N9     sing N N 240 
RKP RU    N12    sing N N 241 
# 
_ndb_struct_conf_na.entry_id   3U38 
_ndb_struct_conf_na.feature    'b-form double helix' 
# 
loop_
_ndb_struct_na_base_pair.model_number 
_ndb_struct_na_base_pair.i_label_asym_id 
_ndb_struct_na_base_pair.i_label_comp_id 
_ndb_struct_na_base_pair.i_label_seq_id 
_ndb_struct_na_base_pair.i_symmetry 
_ndb_struct_na_base_pair.j_label_asym_id 
_ndb_struct_na_base_pair.j_label_comp_id 
_ndb_struct_na_base_pair.j_label_seq_id 
_ndb_struct_na_base_pair.j_symmetry 
_ndb_struct_na_base_pair.shear 
_ndb_struct_na_base_pair.stretch 
_ndb_struct_na_base_pair.stagger 
_ndb_struct_na_base_pair.buckle 
_ndb_struct_na_base_pair.propeller 
_ndb_struct_na_base_pair.opening 
_ndb_struct_na_base_pair.pair_number 
_ndb_struct_na_base_pair.pair_name 
_ndb_struct_na_base_pair.i_auth_asym_id 
_ndb_struct_na_base_pair.i_auth_seq_id 
_ndb_struct_na_base_pair.i_PDB_ins_code 
_ndb_struct_na_base_pair.j_auth_asym_id 
_ndb_struct_na_base_pair.j_auth_seq_id 
_ndb_struct_na_base_pair.j_PDB_ins_code 
_ndb_struct_na_base_pair.hbond_type_28 
_ndb_struct_na_base_pair.hbond_type_12 
1 A DC 2 1_555 A DG 9 7_555 0.311  -0.119 0.331  -11.776 3.836  1.456  1 A_DC2:DG9_A A 2 ? A 9 ? 19 1 
1 A DG 3 1_555 A DC 8 7_555 -0.109 0.028  0.391  21.799  -6.239 1.066  2 A_DG3:DC8_A A 3 ? A 8 ? 19 1 
1 A DG 4 1_555 A DC 7 7_555 -0.316 -0.123 -0.017 -8.678  2.933  -2.123 3 A_DG4:DC7_A A 4 ? A 7 ? 19 1 
1 A DT 5 1_555 A DA 6 7_555 0.106  -0.170 -0.066 17.361  9.094  4.744  4 A_DT5:DA6_A A 5 ? A 6 ? 20 1 
1 A DC 2 1_555 A DG 9 1_555 0.311  -0.119 0.331  -11.776 3.836  1.456  5 A_DC2:DG9_A A 2 ? A 9 ? 19 1 
1 A DG 3 1_555 A DC 8 1_555 -0.109 0.028  0.391  21.799  -6.239 1.066  6 A_DG3:DC8_A A 3 ? A 8 ? 19 1 
1 A DG 4 1_555 A DC 7 1_555 -0.316 -0.123 -0.017 -8.678  2.933  -2.123 7 A_DG4:DC7_A A 4 ? A 7 ? 19 1 
1 A DT 5 1_555 A DA 6 1_555 0.106  -0.170 -0.066 17.361  9.094  4.744  8 A_DT5:DA6_A A 5 ? A 6 ? 20 1 
# 
loop_
_ndb_struct_na_base_pair_step.model_number 
_ndb_struct_na_base_pair_step.i_label_asym_id_1 
_ndb_struct_na_base_pair_step.i_label_comp_id_1 
_ndb_struct_na_base_pair_step.i_label_seq_id_1 
_ndb_struct_na_base_pair_step.i_symmetry_1 
_ndb_struct_na_base_pair_step.j_label_asym_id_1 
_ndb_struct_na_base_pair_step.j_label_comp_id_1 
_ndb_struct_na_base_pair_step.j_label_seq_id_1 
_ndb_struct_na_base_pair_step.j_symmetry_1 
_ndb_struct_na_base_pair_step.i_label_asym_id_2 
_ndb_struct_na_base_pair_step.i_label_comp_id_2 
_ndb_struct_na_base_pair_step.i_label_seq_id_2 
_ndb_struct_na_base_pair_step.i_symmetry_2 
_ndb_struct_na_base_pair_step.j_label_asym_id_2 
_ndb_struct_na_base_pair_step.j_label_comp_id_2 
_ndb_struct_na_base_pair_step.j_label_seq_id_2 
_ndb_struct_na_base_pair_step.j_symmetry_2 
_ndb_struct_na_base_pair_step.shift 
_ndb_struct_na_base_pair_step.slide 
_ndb_struct_na_base_pair_step.rise 
_ndb_struct_na_base_pair_step.tilt 
_ndb_struct_na_base_pair_step.roll 
_ndb_struct_na_base_pair_step.twist 
_ndb_struct_na_base_pair_step.x_displacement 
_ndb_struct_na_base_pair_step.y_displacement 
_ndb_struct_na_base_pair_step.helical_rise 
_ndb_struct_na_base_pair_step.inclination 
_ndb_struct_na_base_pair_step.tip 
_ndb_struct_na_base_pair_step.helical_twist 
_ndb_struct_na_base_pair_step.step_number 
_ndb_struct_na_base_pair_step.step_name 
_ndb_struct_na_base_pair_step.i_auth_asym_id_1 
_ndb_struct_na_base_pair_step.i_auth_seq_id_1 
_ndb_struct_na_base_pair_step.i_PDB_ins_code_1 
_ndb_struct_na_base_pair_step.j_auth_asym_id_1 
_ndb_struct_na_base_pair_step.j_auth_seq_id_1 
_ndb_struct_na_base_pair_step.j_PDB_ins_code_1 
_ndb_struct_na_base_pair_step.i_auth_asym_id_2 
_ndb_struct_na_base_pair_step.i_auth_seq_id_2 
_ndb_struct_na_base_pair_step.i_PDB_ins_code_2 
_ndb_struct_na_base_pair_step.j_auth_asym_id_2 
_ndb_struct_na_base_pair_step.j_auth_seq_id_2 
_ndb_struct_na_base_pair_step.j_PDB_ins_code_2 
1 A DC 2 1_555 A DG 9 7_555 A DG 3 1_555 A DC 8 7_555 -0.323 1.552  2.723 1.441  1.641  22.297 3.479  1.285  2.802 4.229  -3.715 
22.402 1 AA_DC2DG3:DC8DG9_AA A 2 ? A 9 ? A 3 ? A 8 ? 
1 A DG 3 1_555 A DC 8 7_555 A DG 4 1_555 A DC 7 7_555 0.007  0.737  5.017 -1.013 49.181 17.389 -5.081 -0.130 2.422 71.710 1.476  
51.993 2 AA_DG3DG4:DC7DC8_AA A 3 ? A 8 ? A 4 ? A 7 ? 
1 A DG 4 1_555 A DC 7 7_555 A DT 5 1_555 A DA 6 7_555 0.661  -0.053 2.682 -2.056 6.986  18.519 -2.812 -2.697 2.413 20.701 6.093  
19.888 3 AA_DG4DT5:DA6DC7_AA A 4 ? A 7 ? A 5 ? A 6 ? 
1 A DC 2 1_555 A DG 9 1_555 A DG 3 1_555 A DC 8 1_555 -0.323 1.552  2.723 1.441  1.641  22.297 3.479  1.285  2.802 4.229  -3.715 
22.402 4 AA_DC2DG3:DC8DG9_AA A 2 ? A 9 ? A 3 ? A 8 ? 
1 A DG 3 1_555 A DC 8 1_555 A DG 4 1_555 A DC 7 1_555 0.007  0.737  5.017 -1.013 49.181 17.389 -5.081 -0.130 2.422 71.710 1.476  
51.993 5 AA_DG3DG4:DC7DC8_AA A 3 ? A 8 ? A 4 ? A 7 ? 
1 A DG 4 1_555 A DC 7 1_555 A DT 5 1_555 A DA 6 1_555 0.661  -0.053 2.682 -2.056 6.986  18.519 -2.812 -2.697 2.413 20.701 6.093  
19.888 6 AA_DG4DT5:DA6DC7_AA A 4 ? A 7 ? A 5 ? A 6 ? 
# 
_atom_sites.entry_id                    3U38 
_atom_sites.fract_transf_matrix[1][1]   -0.00417714 
_atom_sites.fract_transf_matrix[1][2]   -0.01678940 
_atom_sites.fract_transf_matrix[1][3]   -0.00791556 
_atom_sites.fract_transf_matrix[2][1]   0.01535431 
_atom_sites.fract_transf_matrix[2][2]   0.00143366 
_atom_sites.fract_transf_matrix[2][3]   -0.01114354 
_atom_sites.fract_transf_matrix[3][1]   0.01690425 
_atom_sites.fract_transf_matrix[3][2]   -0.01431841 
_atom_sites.fract_transf_matrix[3][3]   0.02144967 
_atom_sites.fract_transf_vector[1]      0.293785 
_atom_sites.fract_transf_vector[2]      0.249310 
_atom_sites.fract_transf_vector[3]      0.100404 
# 
loop_
_atom_type.symbol 
BA 
C  
N  
O  
P  
RU 
# 
loop_
_atom_site.group_PDB 
_atom_site.id 
_atom_site.type_symbol 
_atom_site.label_atom_id 
_atom_site.label_alt_id 
_atom_site.label_comp_id 
_atom_site.label_asym_id 
_atom_site.label_entity_id 
_atom_site.label_seq_id 
_atom_site.pdbx_PDB_ins_code 
_atom_site.Cartn_x 
_atom_site.Cartn_y 
_atom_site.Cartn_z 
_atom_site.occupancy 
_atom_site.B_iso_or_equiv 
_atom_site.pdbx_formal_charge 
_atom_site.auth_seq_id 
_atom_site.auth_comp_id 
_atom_site.auth_asym_id 
_atom_site.auth_atom_id 
_atom_site.pdbx_PDB_model_num 
ATOM   1   O  "O5'" A DC  A 1 1  ? -0.432 7.730   -19.622 0.30 55.36  ? 1   DC  A "O5'" 1 
ATOM   2   O  "O5'" C DC  A 1 1  ? 3.366  6.691   -19.782 0.30 50.77  ? 1   DC  A "O5'" 1 
ATOM   3   C  "C5'" A DC  A 1 1  ? 0.559  7.257   -18.693 0.30 56.72  ? 1   DC  A "C5'" 1 
ATOM   4   C  "C5'" C DC  A 1 1  ? 3.650  8.035   -20.203 0.30 52.08  ? 1   DC  A "C5'" 1 
ATOM   5   C  "C4'" A DC  A 1 1  ? 1.832  8.058   -18.841 0.30 58.78  ? 1   DC  A "C4'" 1 
ATOM   6   C  "C4'" C DC  A 1 1  ? 3.977  8.889   -19.000 0.30 54.14  ? 1   DC  A "C4'" 1 
ATOM   7   O  "O4'" A DC  A 1 1  ? 1.536  9.321   -19.488 0.30 58.51  ? 1   DC  A "O4'" 1 
ATOM   8   O  "O4'" C DC  A 1 1  ? 3.771  10.289  -19.325 0.30 54.11  ? 1   DC  A "O4'" 1 
ATOM   9   C  "C3'" A DC  A 1 1  ? 2.515  8.433   -17.524 0.30 59.65  ? 1   DC  A "C3'" 1 
ATOM   10  C  "C3'" C DC  A 1 1  ? 3.102  8.616   -17.779 0.30 57.15  ? 1   DC  A "C3'" 1 
ATOM   11  O  "O3'" A DC  A 1 1  ? 3.469  7.457   -17.094 0.30 65.47  ? 1   DC  A "O3'" 1 
ATOM   12  O  "O3'" C DC  A 1 1  ? 3.655  7.532   -16.999 0.30 64.81  ? 1   DC  A "O3'" 1 
ATOM   13  C  "C2'" A DC  A 1 1  ? 3.121  9.786   -17.841 0.30 57.08  ? 1   DC  A "C2'" 1 
ATOM   14  C  "C2'" C DC  A 1 1  ? 3.102  9.965   -17.086 0.30 53.47  ? 1   DC  A "C2'" 1 
ATOM   15  C  "C1'" A DC  A 1 1  ? 1.988  10.382  -18.651 0.30 57.05  ? 1   DC  A "C1'" 1 
ATOM   16  C  "C1'" C DC  A 1 1  ? 3.144  10.968  -18.244 0.30 49.93  ? 1   DC  A "C1'" 1 
ATOM   17  N  N1    A DC  A 1 1  ? 0.851  10.799  -17.814 0.30 52.09  ? 1   DC  A N1    1 
ATOM   18  N  N1    C DC  A 1 1  ? 1.809  11.405  -18.693 0.30 47.76  ? 1   DC  A N1    1 
ATOM   19  C  C2    A DC  A 1 1  ? 0.527  12.158  -17.737 0.30 49.33  ? 1   DC  A C2    1 
ATOM   20  C  C2    C DC  A 1 1  ? 1.373  12.710  -18.424 0.30 44.10  ? 1   DC  A C2    1 
ATOM   21  O  O2    A DC  A 1 1  ? 1.231  12.979  -18.352 0.30 45.19  ? 1   DC  A O2    1 
ATOM   22  O  O2    C DC  A 1 1  ? 2.139  13.497  -17.851 0.30 36.73  ? 1   DC  A O2    1 
ATOM   23  N  N3    A DC  A 1 1  ? -0.524 12.544  -16.977 0.30 48.68  ? 1   DC  A N3    1 
ATOM   24  N  N3    C DC  A 1 1  ? 0.127  13.080  -18.798 0.30 48.42  ? 1   DC  A N3    1 
ATOM   25  C  C4    A DC  A 1 1  ? -1.229 11.631  -16.299 0.30 47.04  ? 1   DC  A C4    1 
ATOM   26  C  C4    C DC  A 1 1  ? -0.671 12.207  -19.421 0.30 47.48  ? 1   DC  A C4    1 
ATOM   27  N  N4    A DC  A 1 1  ? -2.254 12.057  -15.560 0.30 42.22  ? 1   DC  A N4    1 
ATOM   28  N  N4    C DC  A 1 1  ? -1.885 12.623  -19.788 0.30 48.19  ? 1   DC  A N4    1 
ATOM   29  C  C5    A DC  A 1 1  ? -0.919 10.241  -16.361 0.30 47.26  ? 1   DC  A C5    1 
ATOM   30  C  C5    C DC  A 1 1  ? -0.252 10.876  -19.707 0.30 48.02  ? 1   DC  A C5    1 
ATOM   31  C  C6    A DC  A 1 1  ? 0.113  9.872   -17.130 0.30 48.12  ? 1   DC  A C6    1 
ATOM   32  C  C6    C DC  A 1 1  ? 0.978  10.517  -19.321 0.30 50.70  ? 1   DC  A C6    1 
ATOM   33  P  P     . DC  A 1 2  ? 2.980  6.595   -15.839 1.00 72.32  ? 2   DC  A P     1 
ATOM   34  O  OP1   . DC  A 1 2  ? 3.347  5.145   -15.976 1.00 65.02  ? 2   DC  A OP1   1 
ATOM   35  O  OP2   . DC  A 1 2  ? 1.572  7.022   -15.603 1.00 70.00  ? 2   DC  A OP2   1 
ATOM   36  O  "O5'" . DC  A 1 2  ? 3.821  6.926   -14.525 1.00 65.69  ? 2   DC  A "O5'" 1 
ATOM   37  C  "C5'" . DC  A 1 2  ? 5.260  6.880   -14.515 1.00 51.03  ? 2   DC  A "C5'" 1 
ATOM   38  C  "C4'" . DC  A 1 2  ? 5.806  7.711   -13.382 1.00 42.26  ? 2   DC  A "C4'" 1 
ATOM   39  O  "O4'" . DC  A 1 2  ? 5.125  8.975   -13.308 1.00 38.28  ? 2   DC  A "O4'" 1 
ATOM   40  C  "C3'" . DC  A 1 2  ? 5.650  7.070   -12.013 1.00 43.37  ? 2   DC  A "C3'" 1 
ATOM   41  O  "O3'" . DC  A 1 2  ? 6.899  6.402   -11.772 1.00 44.82  ? 2   DC  A "O3'" 1 
ATOM   42  C  "C2'" . DC  A 1 2  ? 5.404  8.242   -11.074 1.00 37.54  ? 2   DC  A "C2'" 1 
ATOM   43  C  "C1'" . DC  A 1 2  ? 4.940  9.387   -11.957 1.00 38.33  ? 2   DC  A "C1'" 1 
ATOM   44  N  N1    . DC  A 1 2  ? 3.524  9.740   -11.803 1.00 37.77  ? 2   DC  A N1    1 
ATOM   45  C  C2    . DC  A 1 2  ? 3.156  11.051  -11.473 1.00 36.03  ? 2   DC  A C2    1 
ATOM   46  O  O2    . DC  A 1 2  ? 4.041  11.896  -11.282 1.00 37.25  ? 2   DC  A O2    1 
ATOM   47  N  N3    . DC  A 1 2  ? 1.844  11.358  -11.366 1.00 31.30  ? 2   DC  A N3    1 
ATOM   48  C  C4    . DC  A 1 2  ? 0.920  10.437  -11.636 1.00 31.39  ? 2   DC  A C4    1 
ATOM   49  N  N4    . DC  A 1 2  ? -0.357 10.788  -11.545 1.00 36.36  ? 2   DC  A N4    1 
ATOM   50  C  C5    . DC  A 1 2  ? 1.265  9.107   -11.998 1.00 36.53  ? 2   DC  A C5    1 
ATOM   51  C  C6    . DC  A 1 2  ? 2.567  8.809   -12.085 1.00 39.03  ? 2   DC  A C6    1 
ATOM   52  P  P     . DG  A 1 3  ? 7.096  5.344   -10.644 1.00 39.69  ? 3   DG  A P     1 
ATOM   53  O  OP1   . DG  A 1 3  ? 8.238  4.487   -11.003 1.00 46.33  ? 3   DG  A OP1   1 
ATOM   54  O  OP2   . DG  A 1 3  ? 5.809  4.779   -10.221 1.00 43.23  ? 3   DG  A OP2   1 
ATOM   55  O  "O5'" . DG  A 1 3  ? 7.628  6.214   -9.428  1.00 38.41  ? 3   DG  A "O5'" 1 
ATOM   56  C  "C5'" . DG  A 1 3  ? 8.770  7.059   -9.554  1.00 34.75  ? 3   DG  A "C5'" 1 
ATOM   57  C  "C4'" . DG  A 1 3  ? 8.817  8.103   -8.457  1.00 37.41  ? 3   DG  A "C4'" 1 
ATOM   58  O  "O4'" . DG  A 1 3  ? 7.877  9.162   -8.720  1.00 35.58  ? 3   DG  A "O4'" 1 
ATOM   59  C  "C3'" . DG  A 1 3  ? 8.498  7.632   -7.048  1.00 39.31  ? 3   DG  A "C3'" 1 
ATOM   60  O  "O3'" . DG  A 1 3  ? 9.754  7.321   -6.466  1.00 48.92  ? 3   DG  A "O3'" 1 
ATOM   61  C  "C2'" . DG  A 1 3  ? 7.968  8.890   -6.374  1.00 35.82  ? 3   DG  A "C2'" 1 
ATOM   62  C  "C1'" . DG  A 1 3  ? 7.292  9.629   -7.515  1.00 36.35  ? 3   DG  A "C1'" 1 
ATOM   63  N  N9    . DG  A 1 3  ? 5.865  9.404   -7.636  1.00 36.10  ? 3   DG  A N9    1 
ATOM   64  C  C8    . DG  A 1 3  ? 5.230  8.199   -7.753  1.00 35.45  ? 3   DG  A C8    1 
ATOM   65  N  N7    . DG  A 1 3  ? 3.943  8.314   -7.908  1.00 38.31  ? 3   DG  A N7    1 
ATOM   66  C  C5    . DG  A 1 3  ? 3.727  9.682   -7.945  1.00 31.10  ? 3   DG  A C5    1 
ATOM   67  C  C6    . DG  A 1 3  ? 2.533  10.417  -8.127  1.00 32.03  ? 3   DG  A C6    1 
ATOM   68  O  O6    . DG  A 1 3  ? 1.391  9.991   -8.292  1.00 32.18  ? 3   DG  A O6    1 
ATOM   69  N  N1    . DG  A 1 3  ? 2.773  11.784  -8.130  1.00 31.76  ? 3   DG  A N1    1 
ATOM   70  C  C2    . DG  A 1 3  ? 3.996  12.366  -7.928  1.00 32.22  ? 3   DG  A C2    1 
ATOM   71  N  N2    . DG  A 1 3  ? 4.028  13.704  -7.903  1.00 33.67  ? 3   DG  A N2    1 
ATOM   72  N  N3    . DG  A 1 3  ? 5.119  11.689  -7.807  1.00 34.48  ? 3   DG  A N3    1 
ATOM   73  C  C4    . DG  A 1 3  ? 4.906  10.364  -7.789  1.00 32.22  ? 3   DG  A C4    1 
ATOM   74  P  P     . DG  A 1 4  ? 9.921  6.110   -5.448  1.00 44.96  ? 4   DG  A P     1 
ATOM   75  O  OP1   . DG  A 1 4  ? 11.334 6.026   -5.018  1.00 52.61  ? 4   DG  A OP1   1 
ATOM   76  O  OP2   . DG  A 1 4  ? 9.178  4.969   -5.969  1.00 44.68  ? 4   DG  A OP2   1 
ATOM   77  O  "O5'" . DG  A 1 4  ? 9.092  6.630   -4.209  1.00 39.72  ? 4   DG  A "O5'" 1 
ATOM   78  C  "C5'" . DG  A 1 4  ? 9.509  7.784   -3.489  1.00 38.57  ? 4   DG  A "C5'" 1 
ATOM   79  C  "C4'" . DG  A 1 4  ? 8.600  8.011   -2.303  1.00 38.06  ? 4   DG  A "C4'" 1 
ATOM   80  O  "O4'" . DG  A 1 4  ? 7.269  8.397   -2.734  1.00 38.03  ? 4   DG  A "O4'" 1 
ATOM   81  C  "C3'" . DG  A 1 4  ? 8.409  6.810   -1.391  1.00 32.43  ? 4   DG  A "C3'" 1 
ATOM   82  O  "O3'" . DG  A 1 4  ? 8.459  7.319   -0.064  1.00 39.06  ? 4   DG  A "O3'" 1 
ATOM   83  C  "C2'" . DG  A 1 4  ? 7.036  6.305   -1.776  1.00 34.41  ? 4   DG  A "C2'" 1 
ATOM   84  C  "C1'" . DG  A 1 4  ? 6.304  7.583   -2.124  1.00 32.81  ? 4   DG  A "C1'" 1 
ATOM   85  N  N9    . DG  A 1 4  ? 5.243  7.416   -3.094  1.00 34.74  ? 4   DG  A N9    1 
ATOM   86  C  C8    . DG  A 1 4  ? 5.311  6.683   -4.249  1.00 31.21  ? 4   DG  A C8    1 
ATOM   87  N  N7    . DG  A 1 4  ? 4.228  6.771   -4.970  1.00 41.93  ? 4   DG  A N7    1 
ATOM   88  C  C5    . DG  A 1 4  ? 3.416  7.650   -4.268  1.00 33.68  ? 4   DG  A C5    1 
ATOM   89  C  C6    . DG  A 1 4  ? 2.131  8.145   -4.574  1.00 33.90  ? 4   DG  A C6    1 
ATOM   90  O  O6    . DG  A 1 4  ? 1.413  7.873   -5.540  1.00 40.92  ? 4   DG  A O6    1 
ATOM   91  N  N1    . DG  A 1 4  ? 1.680  9.029   -3.610  1.00 30.03  ? 4   DG  A N1    1 
ATOM   92  C  C2    . DG  A 1 4  ? 2.377  9.397   -2.501  1.00 32.01  ? 4   DG  A C2    1 
ATOM   93  N  N2    . DG  A 1 4  ? 1.768  10.270  -1.695  1.00 30.31  ? 4   DG  A N2    1 
ATOM   94  N  N3    . DG  A 1 4  ? 3.587  8.949   -2.205  1.00 33.20  ? 4   DG  A N3    1 
ATOM   95  C  C4    . DG  A 1 4  ? 4.044  8.091   -3.134  1.00 32.48  ? 4   DG  A C4    1 
ATOM   96  P  P     . DT  A 1 5  ? 8.639  6.345   1.206   1.00 44.06  ? 5   DT  A P     1 
ATOM   97  O  OP1   . DT  A 1 5  ? 9.279  7.124   2.262   1.00 42.14  ? 5   DT  A OP1   1 
ATOM   98  O  OP2   . DT  A 1 5  ? 9.207  5.061   0.765   1.00 45.91  ? 5   DT  A OP2   1 
ATOM   99  O  "O5'" . DT  A 1 5  ? 7.161  6.002   1.706   1.00 47.02  ? 5   DT  A "O5'" 1 
ATOM   100 C  "C5'" . DT  A 1 5  ? 6.220  7.022   2.129   1.00 40.87  ? 5   DT  A "C5'" 1 
ATOM   101 C  "C4'" . DT  A 1 5  ? 4.812  6.471   2.064   1.00 37.14  ? 5   DT  A "C4'" 1 
ATOM   102 O  "O4'" . DT  A 1 5  ? 4.311  6.528   0.713   1.00 35.94  ? 5   DT  A "O4'" 1 
ATOM   103 C  "C3'" . DT  A 1 5  ? 4.683  5.005   2.492   1.00 37.60  ? 5   DT  A "C3'" 1 
ATOM   104 O  "O3'" . DT  A 1 5  ? 3.737  4.935   3.557   1.00 44.92  ? 5   DT  A "O3'" 1 
ATOM   105 C  "C2'" . DT  A 1 5  ? 4.111  4.310   1.273   1.00 35.75  ? 5   DT  A "C2'" 1 
ATOM   106 C  "C1'" . DT  A 1 5  ? 3.398  5.464   0.612   1.00 35.84  ? 5   DT  A "C1'" 1 
ATOM   107 N  N1    . DT  A 1 5  ? 2.990  5.298   -0.806  1.00 35.60  ? 5   DT  A N1    1 
ATOM   108 C  C2    . DT  A 1 5  ? 1.837  5.939   -1.198  1.00 32.77  ? 5   DT  A C2    1 
ATOM   109 O  O2    . DT  A 1 5  ? 1.208  6.689   -0.470  1.00 35.82  ? 5   DT  A O2    1 
ATOM   110 N  N3    . DT  A 1 5  ? 1.479  5.720   -2.501  1.00 33.16  ? 5   DT  A N3    1 
ATOM   111 C  C4    . DT  A 1 5  ? 2.098  4.885   -3.408  1.00 33.08  ? 5   DT  A C4    1 
ATOM   112 O  O4    . DT  A 1 5  ? 1.638  4.770   -4.538  1.00 36.92  ? 5   DT  A O4    1 
ATOM   113 C  C5    . DT  A 1 5  ? 3.288  4.219   -2.923  1.00 32.02  ? 5   DT  A C5    1 
ATOM   114 C  C7    . DT  A 1 5  ? 4.055  3.330   -3.850  1.00 29.65  ? 5   DT  A C7    1 
ATOM   115 C  C6    . DT  A 1 5  ? 3.653  4.435   -1.655  1.00 30.83  ? 5   DT  A C6    1 
ATOM   116 P  P     . DA  A 1 6  ? 4.088  4.332   5.000   1.00 41.92  ? 6   DA  A P     1 
ATOM   117 O  OP1   . DA  A 1 6  ? 4.796  5.403   5.674   1.00 46.99  ? 6   DA  A OP1   1 
ATOM   118 O  OP2   . DA  A 1 6  ? 4.655  2.989   4.896   1.00 44.09  ? 6   DA  A OP2   1 
ATOM   119 O  "O5'" . DA  A 1 6  ? 2.716  4.102   5.753   1.00 42.97  ? 6   DA  A "O5'" 1 
ATOM   120 C  "C5'" . DA  A 1 6  ? 1.797  5.178   6.015   1.00 42.31  ? 6   DA  A "C5'" 1 
ATOM   121 C  "C4'" . DA  A 1 6  ? 0.521  4.570   6.538   1.00 38.71  ? 6   DA  A "C4'" 1 
ATOM   122 O  "O4'" . DA  A 1 6  ? -0.160 3.903   5.447   1.00 39.35  ? 6   DA  A "O4'" 1 
ATOM   123 C  "C3'" . DA  A 1 6  ? 0.737  3.519   7.632   1.00 38.69  ? 6   DA  A "C3'" 1 
ATOM   124 O  "O3'" . DA  A 1 6  ? -0.280 3.723   8.620   1.00 47.11  ? 6   DA  A "O3'" 1 
ATOM   125 C  "C2'" . DA  A 1 6  ? 0.513  2.184   6.942   1.00 37.81  ? 6   DA  A "C2'" 1 
ATOM   126 C  "C1'" . DA  A 1 6  ? -0.403 2.528   5.762   1.00 38.43  ? 6   DA  A "C1'" 1 
ATOM   127 N  N9    . DA  A 1 6  ? -0.108 1.748   4.563   1.00 34.47  ? 6   DA  A N9    1 
ATOM   128 C  C8    . DA  A 1 6  ? 1.106  1.212   4.218   1.00 35.97  ? 6   DA  A C8    1 
ATOM   129 N  N7    . DA  A 1 6  ? 1.114  0.631   3.044   1.00 36.03  ? 6   DA  A N7    1 
ATOM   130 C  C5    . DA  A 1 6  ? -0.194 0.758   2.601   1.00 33.18  ? 6   DA  A C5    1 
ATOM   131 C  C6    . DA  A 1 6  ? -0.839 0.332   1.428   1.00 34.00  ? 6   DA  A C6    1 
ATOM   132 N  N6    . DA  A 1 6  ? -0.238 -0.368  0.466   1.00 29.23  ? 6   DA  A N6    1 
ATOM   133 N  N1    . DA  A 1 6  ? -2.139 0.666   1.270   1.00 34.30  ? 6   DA  A N1    1 
ATOM   134 C  C2    . DA  A 1 6  ? -2.737 1.385   2.229   1.00 32.12  ? 6   DA  A C2    1 
ATOM   135 N  N3    . DA  A 1 6  ? -2.238 1.839   3.375   1.00 35.87  ? 6   DA  A N3    1 
ATOM   136 C  C4    . DA  A 1 6  ? -0.949 1.476   3.509   1.00 35.82  ? 6   DA  A C4    1 
ATOM   137 P  P     . DC  A 1 7  ? -0.293 2.978   10.024  1.00 51.52  ? 7   DC  A P     1 
ATOM   138 O  OP1   . DC  A 1 7  ? -0.897 3.933   10.976  1.00 57.00  ? 7   DC  A OP1   1 
ATOM   139 O  OP2   . DC  A 1 7  ? 1.008  2.356   10.297  1.00 53.66  ? 7   DC  A OP2   1 
ATOM   140 O  "O5'" . DC  A 1 7  ? -1.315 1.778   9.829   1.00 50.43  ? 7   DC  A "O5'" 1 
ATOM   141 C  "C5'" . DC  A 1 7  ? -2.726 2.019   9.906   1.00 46.61  ? 7   DC  A "C5'" 1 
ATOM   142 C  "C4'" . DC  A 1 7  ? -3.500 0.949   9.173   1.00 46.16  ? 7   DC  A "C4'" 1 
ATOM   143 O  "O4'" . DC  A 1 7  ? -3.034 0.774   7.827   1.00 43.11  ? 7   DC  A "O4'" 1 
ATOM   144 C  "C3'" . DC  A 1 7  ? -3.415 -0.454  9.731   1.00 45.66  ? 7   DC  A "C3'" 1 
ATOM   145 O  "O3'" . DC  A 1 7  ? -4.165 -0.570  10.943  1.00 45.82  ? 7   DC  A "O3'" 1 
ATOM   146 C  "C2'" . DC  A 1 7  ? -3.961 -1.266  8.564   1.00 42.76  ? 7   DC  A "C2'" 1 
ATOM   147 C  "C1'" . DC  A 1 7  ? -3.744 -0.351  7.345   1.00 39.56  ? 7   DC  A "C1'" 1 
ATOM   148 N  N1    . DC  A 1 7  ? -2.980 -0.920  6.210   1.00 38.43  ? 7   DC  A N1    1 
ATOM   149 C  C2    . DC  A 1 7  ? -3.594 -0.967  4.957   1.00 37.64  ? 7   DC  A C2    1 
ATOM   150 O  O2    . DC  A 1 7  ? -4.754 -0.546  4.850   1.00 36.78  ? 7   DC  A O2    1 
ATOM   151 N  N3    . DC  A 1 7  ? -2.914 -1.491  3.903   1.00 32.77  ? 7   DC  A N3    1 
ATOM   152 C  C4    . DC  A 1 7  ? -1.659 -1.917  4.067   1.00 34.93  ? 7   DC  A C4    1 
ATOM   153 N  N4    . DC  A 1 7  ? -1.014 -2.400  3.006   1.00 32.50  ? 7   DC  A N4    1 
ATOM   154 C  C5    . DC  A 1 7  ? -0.997 -1.840  5.328   1.00 35.87  ? 7   DC  A C5    1 
ATOM   155 C  C6    . DC  A 1 7  ? -1.691 -1.346  6.363   1.00 35.45  ? 7   DC  A C6    1 
ATOM   156 P  P     . DC  A 1 8  ? -3.620 -1.603  12.036  1.00 45.43  ? 8   DC  A P     1 
ATOM   157 O  OP1   . DC  A 1 8  ? -4.318 -1.219  13.254  1.00 53.44  ? 8   DC  A OP1   1 
ATOM   158 O  OP2   . DC  A 1 8  ? -2.160 -1.705  12.008  1.00 48.14  ? 8   DC  A OP2   1 
ATOM   159 O  "O5'" . DC  A 1 8  ? -4.135 -3.009  11.531  1.00 42.35  ? 8   DC  A "O5'" 1 
ATOM   160 C  "C5'" . DC  A 1 8  ? -5.536 -3.219  11.301  1.00 41.59  ? 8   DC  A "C5'" 1 
ATOM   161 C  "C4'" . DC  A 1 8  ? -5.810 -4.597  10.748  1.00 39.41  ? 8   DC  A "C4'" 1 
ATOM   162 O  "O4'" . DC  A 1 8  ? -5.473 -4.588  9.358   1.00 36.02  ? 8   DC  A "O4'" 1 
ATOM   163 C  "C3'" . DC  A 1 8  ? -4.954 -5.710  11.337  1.00 41.13  ? 8   DC  A "C3'" 1 
ATOM   164 O  "O3'" . DC  A 1 8  ? -5.647 -6.336  12.428  1.00 44.23  ? 8   DC  A "O3'" 1 
ATOM   165 C  "C2'" . DC  A 1 8  ? -4.822 -6.690  10.181  1.00 40.93  ? 8   DC  A "C2'" 1 
ATOM   166 C  "C1'" . DC  A 1 8  ? -5.154 -5.905  8.933   1.00 32.85  ? 8   DC  A "C1'" 1 
ATOM   167 N  N1    . DC  A 1 8  ? -4.043 -5.782  7.993   1.00 30.58  ? 8   DC  A N1    1 
ATOM   168 C  C2    . DC  A 1 8  ? -4.200 -6.253  6.692   1.00 31.81  ? 8   DC  A C2    1 
ATOM   169 O  O2    . DC  A 1 8  ? -5.233 -6.867  6.401   1.00 32.38  ? 8   DC  A O2    1 
ATOM   170 N  N3    . DC  A 1 8  ? -3.194 -6.096  5.806   1.00 29.24  ? 8   DC  A N3    1 
ATOM   171 C  C4    . DC  A 1 8  ? -2.110 -5.415  6.149   1.00 31.00  ? 8   DC  A C4    1 
ATOM   172 N  N4    . DC  A 1 8  ? -1.149 -5.274  5.237   1.00 31.72  ? 8   DC  A N4    1 
ATOM   173 C  C5    . DC  A 1 8  ? -1.940 -4.882  7.458   1.00 34.98  ? 8   DC  A C5    1 
ATOM   174 C  C6    . DC  A 1 8  ? -2.933 -5.070  8.334   1.00 32.83  ? 8   DC  A C6    1 
ATOM   175 P  P     . DG  A 1 9  ? -4.944 -7.367  13.431  1.00 41.43  ? 9   DG  A P     1 
ATOM   176 O  OP1   . DG  A 1 9  ? -5.803 -7.293  14.624  1.00 48.82  ? 9   DG  A OP1   1 
ATOM   177 O  OP2   . DG  A 1 9  ? -3.502 -7.106  13.536  1.00 44.58  ? 9   DG  A OP2   1 
ATOM   178 O  "O5'" . DG  A 1 9  ? -5.110 -8.776  12.743  1.00 41.94  ? 9   DG  A "O5'" 1 
ATOM   179 C  "C5'" . DG  A 1 9  ? -6.399 -9.408  12.641  1.00 43.01  ? 9   DG  A "C5'" 1 
ATOM   180 C  "C4'" . DG  A 1 9  ? -6.321 -10.451 11.556  1.00 41.99  ? 9   DG  A "C4'" 1 
ATOM   181 O  "O4'" . DG  A 1 9  ? -5.605 -9.813  10.488  1.00 41.52  ? 9   DG  A "O4'" 1 
ATOM   182 C  "C3'" . DG  A 1 9  ? -5.462 -11.631 11.978  1.00 47.07  ? 9   DG  A "C3'" 1 
ATOM   183 O  "O3'" . DG  A 1 9  ? -6.201 -12.837 12.073  1.00 53.53  ? 9   DG  A "O3'" 1 
ATOM   184 C  "C2'" . DG  A 1 9  ? -4.441 -11.795 10.875  1.00 42.58  ? 9   DG  A "C2'" 1 
ATOM   185 C  "C1'" . DG  A 1 9  ? -4.779 -10.742 9.854   1.00 39.28  ? 9   DG  A "C1'" 1 
ATOM   186 N  N9    . DG  A 1 9  ? -3.614 -10.026 9.369   1.00 34.64  ? 9   DG  A N9    1 
ATOM   187 C  C8    . DG  A 1 9  ? -2.666 -9.350  10.098  1.00 34.32  ? 9   DG  A C8    1 
ATOM   188 N  N7    . DG  A 1 9  ? -1.765 -8.771  9.353   1.00 38.64  ? 9   DG  A N7    1 
ATOM   189 C  C5    . DG  A 1 9  ? -2.138 -9.093  8.052   1.00 34.72  ? 9   DG  A C5    1 
ATOM   190 C  C6    . DG  A 1 9  ? -1.530 -8.778  6.814   1.00 33.73  ? 9   DG  A C6    1 
ATOM   191 O  O6    . DG  A 1 9  ? -0.502 -8.122  6.605   1.00 36.58  ? 9   DG  A O6    1 
ATOM   192 N  N1    . DG  A 1 9  ? -2.255 -9.291  5.745   1.00 30.20  ? 9   DG  A N1    1 
ATOM   193 C  C2    . DG  A 1 9  ? -3.418 -10.010 5.852   1.00 29.96  ? 9   DG  A C2    1 
ATOM   194 N  N2    . DG  A 1 9  ? -3.967 -10.430 4.714   1.00 30.18  ? 9   DG  A N2    1 
ATOM   195 N  N3    . DG  A 1 9  ? -3.966 -10.350 6.995   1.00 34.58  ? 9   DG  A N3    1 
ATOM   196 C  C4    . DG  A 1 9  ? -3.288 -9.851  8.048   1.00 33.92  ? 9   DG  A C4    1 
ATOM   197 P  P     . DG  A 1 10 ? -5.414 -13.895 12.984  1.00 77.29  ? 10  DG  A P     1 
ATOM   198 O  OP1   . DG  A 1 10 ? -6.414 -14.845 13.562  1.00 101.37 ? 10  DG  A OP1   1 
ATOM   199 O  OP2   . DG  A 1 10 ? -4.328 -13.344 13.864  1.00 66.90  ? 10  DG  A OP2   1 
ATOM   200 O  "O5'" . DG  A 1 10 ? -4.705 -14.615 11.754  1.00 79.11  ? 10  DG  A "O5'" 1 
ATOM   201 C  "C5'" . DG  A 1 10 ? -3.799 -15.699 11.945  1.00 56.17  ? 10  DG  A "C5'" 1 
ATOM   202 C  "C4'" . DG  A 1 10 ? -4.078 -16.759 10.908  1.00 48.67  ? 10  DG  A "C4'" 1 
ATOM   203 O  "O4'" . DG  A 1 10 ? -3.850 -16.234 9.578   1.00 51.51  ? 10  DG  A "O4'" 1 
ATOM   204 C  "C3'" . DG  A 1 10 ? -3.135 -17.936 11.042  1.00 45.49  ? 10  DG  A "C3'" 1 
ATOM   205 O  "O3'" . DG  A 1 10 ? -3.754 -18.843 11.928  1.00 47.30  ? 10  DG  A "O3'" 1 
ATOM   206 C  "C2'" . DG  A 1 10 ? -3.031 -18.455 9.624   1.00 50.16  ? 10  DG  A "C2'" 1 
ATOM   207 C  "C1'" . DG  A 1 10 ? -3.118 -17.177 8.797   1.00 46.67  ? 10  DG  A "C1'" 1 
ATOM   208 N  N9    . DG  A 1 10 ? -1.850 -16.564 8.358   1.00 44.09  ? 10  DG  A N9    1 
ATOM   209 C  C8    . DG  A 1 10 ? -1.396 -16.501 7.060   1.00 40.55  ? 10  DG  A C8    1 
ATOM   210 N  N7    . DG  A 1 10 ? -0.254 -15.879 6.945   1.00 38.26  ? 10  DG  A N7    1 
ATOM   211 C  C5    . DG  A 1 10 ? 0.089  -15.550 8.246   1.00 37.22  ? 10  DG  A C5    1 
ATOM   212 C  C6    . DG  A 1 10 ? 1.221  -14.870 8.745   1.00 40.52  ? 10  DG  A C6    1 
ATOM   213 O  O6    . DG  A 1 10 ? 2.190  -14.432 8.121   1.00 47.08  ? 10  DG  A O6    1 
ATOM   214 N  N1    . DG  A 1 10 ? 1.169  -14.735 10.125  1.00 43.56  ? 10  DG  A N1    1 
ATOM   215 C  C2    . DG  A 1 10 ? 0.145  -15.169 10.921  1.00 43.12  ? 10  DG  A C2    1 
ATOM   216 N  N2    . DG  A 1 10 ? 0.281  -14.934 12.232  1.00 54.76  ? 10  DG  A N2    1 
ATOM   217 N  N3    . DG  A 1 10 ? -0.932 -15.785 10.468  1.00 46.19  ? 10  DG  A N3    1 
ATOM   218 C  C4    . DG  A 1 10 ? -0.887 -15.956 9.130   1.00 40.92  ? 10  DG  A C4    1 
HETATM 219 RU RU    . RKP B 2 .  ? -3.079 -14.566 2.364   1.00 36.12  ? 101 RKP A RU    1 
HETATM 220 C  C1    . RKP B 2 .  ? -1.571 -13.112 4.298   1.00 31.28  ? 101 RKP A C1    1 
HETATM 221 N  N1    . RKP B 2 .  ? -3.409 -14.321 4.233   1.00 33.66  ? 101 RKP A N1    1 
HETATM 222 C  C2    . RKP B 2 .  ? -0.667 -12.755 2.257   1.00 32.11  ? 101 RKP A C2    1 
HETATM 223 N  N2    . RKP B 2 .  ? -1.648 -13.335 2.948   1.00 30.30  ? 101 RKP A N2    1 
HETATM 224 C  C3    . RKP B 2 .  ? 0.330  -12.019 2.871   1.00 31.42  ? 101 RKP A C3    1 
HETATM 225 N  N3    . RKP B 2 .  ? 0.266  -11.554 6.996   1.00 36.62  ? 101 RKP A N3    1 
HETATM 226 C  C4    . RKP B 2 .  ? 0.348  -11.829 4.236   1.00 30.33  ? 101 RKP A C4    1 
HETATM 227 N  N4    . RKP B 2 .  ? -1.763 -12.753 8.402   1.00 35.71  ? 101 RKP A N4    1 
HETATM 228 C  C5    . RKP B 2 .  ? -0.625 -12.410 4.967   1.00 30.57  ? 101 RKP A C5    1 
HETATM 229 N  N5    . RKP B 2 .  ? -2.009 -16.078 2.890   1.00 38.24  ? 101 RKP A N5    1 
HETATM 230 C  C6    . RKP B 2 .  ? -0.675 -12.260 6.348   1.00 34.21  ? 101 RKP A C6    1 
HETATM 231 C  C7    . RKP B 2 .  ? -1.691 -12.858 7.067   1.00 34.18  ? 101 RKP A C7    1 
HETATM 232 C  C8    . RKP B 2 .  ? -2.652 -13.577 6.386   1.00 31.63  ? 101 RKP A C8    1 
HETATM 233 N  N8    . RKP B 2 .  ? -4.337 -15.936 2.087   1.00 36.37  ? 101 RKP A N8    1 
HETATM 234 C  C9    . RKP B 2 .  ? -3.697 -14.141 7.049   1.00 32.20  ? 101 RKP A C9    1 
HETATM 235 N  N9    . RKP B 2 .  ? -4.214 -13.065 1.771   1.00 34.38  ? 101 RKP A N9    1 
HETATM 236 C  C10   . RKP B 2 .  ? -2.554 -13.678 5.016   1.00 33.99  ? 101 RKP A C10   1 
HETATM 237 C  C11   . RKP B 2 .  ? -4.585 -14.862 6.280   1.00 32.82  ? 101 RKP A C11   1 
HETATM 238 C  C12   . RKP B 2 .  ? -4.420 -14.939 4.890   1.00 36.79  ? 101 RKP A C12   1 
HETATM 239 N  N12   . RKP B 2 .  ? -2.539 -14.520 0.580   1.00 37.13  ? 101 RKP A N12   1 
HETATM 240 C  C13   . RKP B 2 .  ? -0.830 -12.064 9.061   1.00 38.54  ? 101 RKP A C13   1 
HETATM 241 C  C14   . RKP B 2 .  ? -0.906 -11.961 10.463  1.00 41.66  ? 101 RKP A C14   1 
HETATM 242 C  C15   . RKP B 2 .  ? 0.220  -11.467 8.347   1.00 37.42  ? 101 RKP A C15   1 
HETATM 243 C  C16   . RKP B 2 .  ? 1.215  -10.746 9.028   1.00 39.20  ? 101 RKP A C16   1 
HETATM 244 C  C17   . RKP B 2 .  ? 1.142  -10.589 10.417  1.00 41.10  ? 101 RKP A C17   1 
HETATM 245 C  C18   . RKP B 2 .  ? 0.088  -11.212 11.130  1.00 41.16  ? 101 RKP A C18   1 
HETATM 246 C  C19   . RKP B 2 .  ? -2.633 -17.295 2.706   1.00 34.36  ? 101 RKP A C19   1 
HETATM 247 C  C20   . RKP B 2 .  ? -0.739 -16.194 3.255   1.00 35.65  ? 101 RKP A C20   1 
HETATM 248 C  C21   . RKP B 2 .  ? -0.194 -17.423 3.505   1.00 34.02  ? 101 RKP A C21   1 
HETATM 249 C  C22   . RKP B 2 .  ? -2.144 -18.571 2.976   1.00 34.34  ? 101 RKP A C22   1 
HETATM 250 C  C23   . RKP B 2 .  ? -2.886 -19.754 2.802   1.00 30.18  ? 101 RKP A C23   1 
HETATM 251 C  C24   . RKP B 2 .  ? -4.216 -19.623 2.376   1.00 33.20  ? 101 RKP A C24   1 
HETATM 252 C  C25   . RKP B 2 .  ? -4.739 -18.331 2.134   1.00 33.72  ? 101 RKP A C25   1 
HETATM 253 C  C26   . RKP B 2 .  ? -3.945 -17.200 2.287   1.00 36.32  ? 101 RKP A C26   1 
HETATM 254 C  C27   . RKP B 2 .  ? -6.468 -16.865 1.492   1.00 34.80  ? 101 RKP A C27   1 
HETATM 255 C  C28   . RKP B 2 .  ? -5.608 -15.771 1.657   1.00 40.61  ? 101 RKP A C28   1 
HETATM 256 C  C29   . RKP B 2 .  ? -4.202 -12.965 0.411   1.00 36.70  ? 101 RKP A C29   1 
HETATM 257 C  C30   . RKP B 2 .  ? -5.160 -12.333 2.377   1.00 36.26  ? 101 RKP A C30   1 
HETATM 258 C  C31   . RKP B 2 .  ? -5.950 -11.433 1.657   1.00 33.19  ? 101 RKP A C31   1 
HETATM 259 C  C32   . RKP B 2 .  ? -4.933 -12.068 -0.363  1.00 33.99  ? 101 RKP A C32   1 
HETATM 260 C  C33   . RKP B 2 .  ? -4.740 -11.973 -1.741  1.00 35.96  ? 101 RKP A C33   1 
HETATM 261 C  C34   . RKP B 2 .  ? -3.807 -12.770 -2.392  1.00 38.09  ? 101 RKP A C34   1 
HETATM 262 C  C35   . RKP B 2 .  ? -3.053 -13.687 -1.599  1.00 37.93  ? 101 RKP A C35   1 
HETATM 263 C  C36   . RKP B 2 .  ? -3.266 -13.762 -0.229  1.00 37.80  ? 101 RKP A C36   1 
HETATM 264 C  C37   . RKP B 2 .  ? -1.399 -15.331 -1.315  1.00 32.22  ? 101 RKP A C37   1 
HETATM 265 C  C38   . RKP B 2 .  ? -1.661 -15.382 0.046   1.00 37.48  ? 101 RKP A C38   1 
HETATM 266 C  C41   . RKP B 2 .  ? -0.862 -18.635 3.374   1.00 33.14  ? 101 RKP A C41   1 
HETATM 267 C  C42   . RKP B 2 .  ? -6.053 -18.155 1.717   1.00 39.02  ? 101 RKP A C42   1 
HETATM 268 C  C43   . RKP B 2 .  ? -5.835 -11.240 0.278   1.00 35.08  ? 101 RKP A C43   1 
HETATM 269 C  C44   . RKP B 2 .  ? -2.088 -14.490 -2.159  1.00 33.84  ? 101 RKP A C44   1 
HETATM 270 RU RU    . RKP C 2 .  ? -3.389 6.483   2.234   0.50 37.08  ? 102 RKP A RU    1 
HETATM 271 C  C1    . RKP C 2 .  ? -2.892 5.046   -0.182  0.50 35.05  ? 102 RKP A C1    1 
HETATM 272 N  N1    . RKP C 2 .  ? -1.832 5.391   1.882   0.50 36.46  ? 102 RKP A N1    1 
HETATM 273 C  C2    . RKP C 2 .  ? -4.892 6.099   -0.365  0.50 34.99  ? 102 RKP A C2    1 
HETATM 274 N  N2    . RKP C 2 .  ? -3.806 5.812   0.387   0.50 36.44  ? 102 RKP A N2    1 
HETATM 275 C  C3    . RKP C 2 .  ? -5.050 5.602   -1.662  0.50 32.46  ? 102 RKP A C3    1 
HETATM 276 N  N3    . RKP C 2 .  ? -1.872 3.077   -3.188  0.50 32.65  ? 102 RKP A N3    1 
HETATM 277 C  C4    . RKP C 2 .  ? -4.096 4.774   -2.261  0.50 32.98  ? 102 RKP A C4    1 
HETATM 278 N  N4    . RKP C 2 .  ? 0.235  2.618   -1.488  0.50 32.83  ? 102 RKP A N4    1 
HETATM 279 C  C5    . RKP C 2 .  ? -2.963 4.458   -1.529  0.50 33.24  ? 102 RKP A C5    1 
HETATM 280 N  N5    . RKP C 2 .  ? -4.190 4.988   3.167   0.50 35.73  ? 102 RKP A N5    1 
HETATM 281 C  C6    . RKP C 2 .  ? -1.880 3.651   -1.951  0.50 33.62  ? 102 RKP A C6    1 
HETATM 282 C  C7    . RKP C 2 .  ? -0.788 3.413   -1.069  0.50 33.78  ? 102 RKP A C7    1 
HETATM 283 C  C8    . RKP C 2 .  ? -0.728 3.989   0.230   0.50 33.44  ? 102 RKP A C8    1 
HETATM 284 N  N8    . RKP C 2 .  ? -2.918 6.863   4.022   0.50 35.62  ? 102 RKP A N8    1 
HETATM 285 C  C9    . RKP C 2 .  ? 0.322  3.800   1.114   0.50 32.49  ? 102 RKP A C9    1 
HETATM 286 N  N9    . RKP C 2 .  ? -2.631 8.082   1.355   0.50 36.29  ? 102 RKP A N9    1 
HETATM 287 C  C10   . RKP C 2 .  ? -1.753 4.793   0.681   0.50 35.15  ? 102 RKP A C10   1 
HETATM 288 C  C11   . RKP C 2 .  ? 0.272  4.407   2.369   0.50 32.42  ? 102 RKP A C11   1 
HETATM 289 C  C12   . RKP C 2 .  ? -0.802 5.215   2.727   0.50 35.20  ? 102 RKP A C12   1 
HETATM 290 N  N12   . RKP C 2 .  ? -4.935 7.511   2.053   0.50 36.39  ? 102 RKP A N12   1 
HETATM 291 C  C13   . RKP C 2 .  ? 0.230  2.052   -2.729  0.50 33.68  ? 102 RKP A C13   1 
HETATM 292 C  C14   . RKP C 2 .  ? 1.282  1.247   -3.144  0.50 32.84  ? 102 RKP A C14   1 
HETATM 293 C  C15   . RKP C 2 .  ? -0.842 2.285   -3.593  0.50 33.29  ? 102 RKP A C15   1 
HETATM 294 C  C16   . RKP C 2 .  ? -0.840 1.699   -4.853  0.50 33.02  ? 102 RKP A C16   1 
HETATM 295 C  C17   . RKP C 2 .  ? 0.217  0.892   -5.255  0.50 32.12  ? 102 RKP A C17   1 
HETATM 296 C  C18   . RKP C 2 .  ? 1.277  0.672   -4.407  0.50 31.84  ? 102 RKP A C18   1 
HETATM 297 C  C19   . RKP C 2 .  ? -3.987 4.943   4.484   0.50 36.56  ? 102 RKP A C19   1 
HETATM 298 C  C20   . RKP C 2 .  ? -4.917 3.990   2.634   0.50 37.22  ? 102 RKP A C20   1 
HETATM 299 C  C21   . RKP C 2 .  ? -5.402 2.941   3.436   0.50 35.88  ? 102 RKP A C21   1 
HETATM 300 C  C22   . RKP C 2 .  ? -4.436 3.949   5.347   0.50 35.46  ? 102 RKP A C22   1 
HETATM 301 C  C23   . RKP C 2 .  ? -4.142 4.025   6.713   0.50 35.27  ? 102 RKP A C23   1 
HETATM 302 C  C24   . RKP C 2 .  ? -3.393 5.098   7.181   0.50 35.30  ? 102 RKP A C24   1 
HETATM 303 C  C25   . RKP C 2 .  ? -2.958 6.086   6.287   0.50 36.07  ? 102 RKP A C25   1 
HETATM 304 C  C26   . RKP C 2 .  ? -3.268 5.995   4.951   0.50 36.16  ? 102 RKP A C26   1 
HETATM 305 C  C27   . RKP C 2 .  ? -1.830 8.100   5.736   0.50 36.24  ? 102 RKP A C27   1 
HETATM 306 C  C28   . RKP C 2 .  ? -2.189 7.908   4.397   0.50 38.16  ? 102 RKP A C28   1 
HETATM 307 C  C29   . RKP C 2 .  ? -3.483 9.188   1.392   0.50 36.96  ? 102 RKP A C29   1 
HETATM 308 C  C30   . RKP C 2 .  ? -1.262 8.389   1.160   0.50 37.26  ? 102 RKP A C30   1 
HETATM 309 C  C31   . RKP C 2 .  ? -0.909 9.650   0.659   0.50 36.20  ? 102 RKP A C31   1 
HETATM 310 C  C32   . RKP C 2 .  ? -3.157 10.444  0.918   0.50 36.23  ? 102 RKP A C32   1 
HETATM 311 C  C33   . RKP C 2 .  ? -4.165 11.412  0.861   0.50 36.04  ? 102 RKP A C33   1 
HETATM 312 C  C34   . RKP C 2 .  ? -5.467 11.068  1.232   0.50 36.00  ? 102 RKP A C34   1 
HETATM 313 C  C35   . RKP C 2 .  ? -5.760 9.769   1.672   0.50 37.00  ? 102 RKP A C35   1 
HETATM 314 C  C36   . RKP C 2 .  ? -4.747 8.863   1.773   0.50 36.96  ? 102 RKP A C36   1 
HETATM 315 C  C37   . RKP C 2 .  ? -7.217 8.035   2.489   0.50 37.30  ? 102 RKP A C37   1 
HETATM 316 C  C38   . RKP C 2 .  ? -6.148 7.137   2.548   0.50 38.99  ? 102 RKP A C38   1 
HETATM 317 C  C41   . RKP C 2 .  ? -5.178 2.901   4.811   0.50 35.44  ? 102 RKP A C41   1 
HETATM 318 C  C42   . RKP C 2 .  ? -2.224 7.182   6.699   0.50 35.77  ? 102 RKP A C42   1 
HETATM 319 C  C43   . RKP C 2 .  ? -1.830 10.696  0.557   0.50 35.73  ? 102 RKP A C43   1 
HETATM 320 C  C44   . RKP C 2 .  ? -7.022 9.353   2.076   0.50 36.80  ? 102 RKP A C44   1 
HETATM 321 BA BA    . BA  D 3 .  ? 2.485  5.842   -7.202  1.00 37.17  ? 103 BA  A BA    1 
HETATM 322 O  O     . HOH E 4 .  ? 2.434  2.948   -7.161  1.00 47.34  ? 201 HOH A O     1 
HETATM 323 O  O     . HOH E 4 .  ? 0.780  7.556   -8.693  1.00 37.98  ? 202 HOH A O     1 
HETATM 324 O  O     . HOH E 4 .  ? 3.173  5.425   -9.851  1.00 47.73  ? 203 HOH A O     1 
HETATM 325 O  O     . HOH E 4 .  ? -2.089 -11.454 14.382  1.00 51.88  ? 204 HOH A O     1 
HETATM 326 O  O     . HOH E 4 .  ? 5.261  4.916   -7.541  1.00 35.15  ? 205 HOH A O     1 
HETATM 327 O  O     . HOH E 4 .  ? 2.720  -2.503  1.114   1.00 47.24  ? 206 HOH A O     1 
HETATM 328 O  O     . HOH E 4 .  ? 2.252  8.750   1.121   1.00 37.00  ? 207 HOH A O     1 
HETATM 329 O  O     . HOH E 4 .  ? 10.540 15.045  -11.298 1.00 38.84  ? 208 HOH A O     1 
HETATM 330 O  O     . HOH E 4 .  ? 6.500  15.618  -7.680  1.00 31.70  ? 209 HOH A O     1 
HETATM 331 O  O     . HOH E 4 .  ? 4.517  10.160  0.139   1.00 35.70  ? 210 HOH A O     1 
HETATM 332 O  O     . HOH E 4 .  ? 1.735  -4.390  6.294   1.00 42.56  ? 211 HOH A O     1 
HETATM 333 O  O     . HOH E 4 .  ? 0.099  4.624   -7.656  1.00 47.01  ? 212 HOH A O     1 
HETATM 334 O  O     . HOH E 4 .  ? -6.142 0.482   -6.530  1.00 45.99  ? 213 HOH A O     1 
HETATM 335 O  O     . HOH E 4 .  ? 10.135 11.965  3.984   1.00 46.46  ? 214 HOH A O     1 
HETATM 336 O  O     . HOH E 4 .  ? 1.445  8.323   4.030   1.00 46.56  ? 215 HOH A O     1 
HETATM 337 O  O     . HOH E 4 .  ? 8.054  9.756   3.174   1.00 45.68  ? 216 HOH A O     1 
HETATM 338 O  O     . HOH E 4 .  ? -8.335 -14.276 8.734   1.00 57.46  ? 217 HOH A O     1 
HETATM 339 O  O     . HOH E 4 .  ? 5.659  -3.761  9.729   1.00 78.94  ? 218 HOH A O     1 
HETATM 340 O  O     . HOH E 4 .  ? 6.926  -8.800  8.617   1.00 69.55  ? 219 HOH A O     1 
# 
